data_3SPD
#
_entry.id   3SPD
#
_cell.length_a   220.409
_cell.length_b   220.409
_cell.length_c   135.031
_cell.angle_alpha   90.00
_cell.angle_beta   90.00
_cell.angle_gamma   120.00
#
_symmetry.space_group_name_H-M   'H 3 2'
#
loop_
_entity.id
_entity.type
_entity.pdbx_description
1 polymer 'Aprataxin-like protein'
2 polymer "DNA (5'-D(*TP*AP*TP*TP*CP*CP*GP*AP*TP*AP*GP*TP*GP*AP*C)-3')"
3 polymer "DNA (5'-D(*GP*TP*CP*AP*CP*TP*AP*TP*CP*GP*GP*AP*AP*TP*GP*AP*G)-3')"
4 non-polymer 'ZINC ION'
5 non-polymer 'SULFATE ION'
6 water water
#
loop_
_entity_poly.entity_id
_entity_poly.type
_entity_poly.pdbx_seq_one_letter_code
_entity_poly.pdbx_strand_id
1 'polypeptide(L)'
;GSHMSFRDNLKVYIESPESYKNVIYYDDDVVLVRDMFPKSKMHLLLMTRDPHLTHVHPLEIMMKHRSLVEKLVSYVQGDL
SGLIFDEARNCLSQQLTNEALANYIKVGFHAGPSMNNLHLHIMTLDHVSPSLKNSAHYISFTSPFFVKIDTPTSNLPTRG
TLTSLFQEDLKCWRCGETFGRHFTKLKAHLQEEYDDWLDKSVSM
;
A,B,C,D
2 'polydeoxyribonucleotide' (DT)(DA)(DT)(DT)(DC)(DC)(DG)(DA)(DT)(DA)(DG)(DT)(DG)(DA)(DC) E,G
3 'polydeoxyribonucleotide' (DG)(DT)(DC)(DA)(DC)(DT)(DA)(DT)(DC)(DG)(DG)(DA)(DA)(DT)(DG)(DA)(DG) F,H
#
loop_
_chem_comp.id
_chem_comp.type
_chem_comp.name
_chem_comp.formula
DA DNA linking 2'-DEOXYADENOSINE-5'-MONOPHOSPHATE 'C10 H14 N5 O6 P'
DC DNA linking 2'-DEOXYCYTIDINE-5'-MONOPHOSPHATE 'C9 H14 N3 O7 P'
DG DNA linking 2'-DEOXYGUANOSINE-5'-MONOPHOSPHATE 'C10 H14 N5 O7 P'
DT DNA linking THYMIDINE-5'-MONOPHOSPHATE 'C10 H15 N2 O8 P'
SO4 non-polymer 'SULFATE ION' 'O4 S -2'
ZN non-polymer 'ZINC ION' 'Zn 2'
#
# COMPACT_ATOMS: atom_id res chain seq x y z
N SER A 5 5.38 8.16 39.95
CA SER A 5 5.02 8.04 38.53
C SER A 5 6.08 8.68 37.65
N PHE A 6 6.35 8.06 36.51
CA PHE A 6 7.30 8.62 35.55
C PHE A 6 6.85 10.02 35.09
N ARG A 7 5.56 10.30 35.23
CA ARG A 7 5.02 11.56 34.75
C ARG A 7 5.45 12.74 35.60
N ASP A 8 5.98 12.46 36.80
CA ASP A 8 6.47 13.51 37.68
C ASP A 8 7.98 13.62 37.62
N ASN A 9 8.59 12.98 36.64
CA ASN A 9 10.04 12.97 36.54
C ASN A 9 10.67 14.37 36.53
N LEU A 10 9.99 15.36 35.97
CA LEU A 10 10.61 16.69 35.85
C LEU A 10 10.53 17.53 37.11
N LYS A 11 9.75 17.09 38.09
CA LYS A 11 9.55 17.94 39.25
C LYS A 11 10.85 18.19 40.02
N VAL A 12 11.80 17.25 39.94
CA VAL A 12 13.05 17.45 40.67
C VAL A 12 13.81 18.70 40.20
N TYR A 13 13.59 19.13 38.95
CA TYR A 13 14.33 20.28 38.45
C TYR A 13 13.80 21.59 39.01
N ILE A 14 12.49 21.67 39.22
CA ILE A 14 11.93 22.88 39.81
C ILE A 14 12.01 22.86 41.33
N GLU A 15 12.08 21.68 41.95
CA GLU A 15 12.18 21.61 43.40
CA GLU A 15 12.18 21.65 43.40
C GLU A 15 13.63 21.81 43.88
N SER A 16 14.56 21.16 43.20
CA SER A 16 15.97 21.22 43.60
C SER A 16 16.92 21.50 42.45
N PRO A 17 16.80 22.67 41.80
CA PRO A 17 17.67 22.95 40.65
C PRO A 17 19.14 23.00 41.08
N GLU A 18 19.38 23.29 42.36
CA GLU A 18 20.73 23.36 42.90
C GLU A 18 21.46 22.02 42.77
N SER A 19 20.70 20.96 42.54
CA SER A 19 21.27 19.61 42.54
C SER A 19 21.70 19.09 41.18
N TYR A 20 21.39 19.83 40.11
CA TYR A 20 21.59 19.32 38.76
C TYR A 20 22.45 20.21 37.89
N LYS A 21 23.58 19.69 37.42
CA LYS A 21 24.45 20.51 36.58
C LYS A 21 23.80 20.84 35.23
N ASN A 22 22.82 20.04 34.80
CA ASN A 22 22.16 20.30 33.53
C ASN A 22 21.06 21.36 33.62
N VAL A 23 20.84 21.85 34.84
CA VAL A 23 20.05 23.05 35.03
C VAL A 23 20.97 24.26 34.75
N ILE A 24 20.81 24.85 33.58
CA ILE A 24 21.73 25.90 33.15
C ILE A 24 21.29 27.31 33.57
N TYR A 25 20.13 27.40 34.19
CA TYR A 25 19.68 28.65 34.82
C TYR A 25 18.59 28.34 35.82
N TYR A 26 18.63 29.03 36.96
CA TYR A 26 17.46 29.02 37.82
C TYR A 26 17.35 30.30 38.62
N ASP A 27 16.11 30.69 38.88
CA ASP A 27 15.86 31.74 39.86
C ASP A 27 14.62 31.35 40.65
N ASP A 28 14.01 32.29 41.36
CA ASP A 28 12.85 31.91 42.17
C ASP A 28 11.66 31.49 41.32
N ASP A 29 11.61 31.97 40.07
CA ASP A 29 10.46 31.78 39.19
C ASP A 29 10.53 30.67 38.14
N VAL A 30 11.71 30.42 37.60
CA VAL A 30 11.85 29.47 36.51
C VAL A 30 13.14 28.69 36.59
N VAL A 31 13.18 27.59 35.84
CA VAL A 31 14.37 26.77 35.64
C VAL A 31 14.53 26.46 34.15
N LEU A 32 15.74 26.64 33.64
CA LEU A 32 16.09 26.21 32.28
C LEU A 32 16.97 24.97 32.40
N VAL A 33 16.53 23.84 31.84
CA VAL A 33 17.23 22.58 32.01
C VAL A 33 17.39 21.87 30.66
N ARG A 34 18.51 21.18 30.46
CA ARG A 34 18.70 20.39 29.26
C ARG A 34 17.75 19.19 29.27
N ASP A 35 17.08 18.94 28.15
CA ASP A 35 16.25 17.75 28.05
C ASP A 35 17.17 16.53 28.11
N MET A 36 16.78 15.55 28.91
CA MET A 36 17.63 14.37 29.10
C MET A 36 17.66 13.50 27.82
N PHE A 37 16.65 13.68 26.97
CA PHE A 37 16.58 12.92 25.72
C PHE A 37 16.35 13.85 24.53
N PRO A 38 17.36 14.67 24.18
CA PRO A 38 17.19 15.77 23.23
C PRO A 38 16.70 15.30 21.86
N LYS A 39 15.66 15.95 21.36
CA LYS A 39 15.07 15.54 20.10
C LYS A 39 15.60 16.39 18.95
N SER A 40 16.50 17.33 19.26
CA SER A 40 17.26 18.05 18.25
C SER A 40 18.65 18.26 18.84
N LYS A 41 19.58 18.80 18.06
CA LYS A 41 20.94 19.00 18.56
C LYS A 41 20.96 19.81 19.87
N MET A 42 20.17 20.87 19.92
CA MET A 42 19.93 21.59 21.18
C MET A 42 18.48 21.39 21.56
N HIS A 43 18.23 21.02 22.82
CA HIS A 43 16.88 20.84 23.30
C HIS A 43 16.86 21.15 24.78
N LEU A 44 16.26 22.29 25.11
CA LEU A 44 16.18 22.79 26.49
C LEU A 44 14.72 22.88 26.91
N LEU A 45 14.49 22.83 28.21
CA LEU A 45 13.15 23.02 28.78
C LEU A 45 13.14 24.21 29.73
N LEU A 46 12.16 25.10 29.55
CA LEU A 46 11.98 26.21 30.48
C LEU A 46 10.74 25.95 31.32
N MET A 47 10.97 25.80 32.63
CA MET A 47 9.92 25.36 33.55
C MET A 47 9.59 26.41 34.61
N THR A 48 8.31 26.73 34.75
CA THR A 48 7.85 27.54 35.87
C THR A 48 8.07 26.76 37.16
N ARG A 49 8.48 27.47 38.22
CA ARG A 49 8.62 26.85 39.53
C ARG A 49 7.35 27.06 40.37
N ASP A 50 6.39 27.83 39.84
CA ASP A 50 5.14 28.11 40.57
C ASP A 50 4.37 26.80 40.83
N PRO A 51 4.10 26.49 42.11
CA PRO A 51 3.51 25.21 42.53
C PRO A 51 2.13 24.95 41.93
N HIS A 52 1.41 26.01 41.59
CA HIS A 52 0.12 25.86 40.96
C HIS A 52 0.26 25.81 39.44
N LEU A 53 0.93 26.81 38.89
CA LEU A 53 1.08 26.92 37.44
C LEU A 53 1.75 25.69 36.81
N THR A 54 2.66 25.06 37.53
CA THR A 54 3.36 23.89 36.98
C THR A 54 2.39 22.76 36.59
N HIS A 55 1.24 22.69 37.27
CA HIS A 55 0.29 21.63 36.97
C HIS A 55 -0.89 22.08 36.12
N VAL A 56 -0.80 23.29 35.59
CA VAL A 56 -1.83 23.75 34.65
C VAL A 56 -1.47 23.23 33.26
N HIS A 57 -2.46 22.73 32.53
CA HIS A 57 -2.20 22.17 31.20
C HIS A 57 -1.70 23.29 30.26
N PRO A 58 -0.74 22.97 29.38
CA PRO A 58 -0.17 24.05 28.56
C PRO A 58 -1.19 24.79 27.68
N LEU A 59 -2.24 24.12 27.22
CA LEU A 59 -3.24 24.83 26.43
C LEU A 59 -4.01 25.84 27.28
N GLU A 60 -4.24 25.50 28.54
CA GLU A 60 -4.89 26.41 29.49
C GLU A 60 -3.95 27.57 29.80
N ILE A 61 -2.66 27.26 29.89
CA ILE A 61 -1.68 28.31 30.08
C ILE A 61 -1.77 29.31 28.93
N MET A 62 -1.76 28.80 27.71
CA MET A 62 -1.78 29.64 26.53
C MET A 62 -3.05 30.47 26.47
N MET A 63 -4.16 29.86 26.88
CA MET A 63 -5.46 30.52 26.78
C MET A 63 -5.71 31.58 27.84
N LYS A 64 -5.32 31.28 29.08
CA LYS A 64 -5.79 32.06 30.23
C LYS A 64 -4.70 32.50 31.19
N HIS A 65 -3.46 32.30 30.82
CA HIS A 65 -2.36 32.73 31.70
C HIS A 65 -1.37 33.52 30.87
N ARG A 66 -1.84 34.62 30.29
CA ARG A 66 -1.03 35.39 29.36
C ARG A 66 0.15 36.06 30.04
N SER A 67 0.01 36.37 31.33
CA SER A 67 1.13 36.96 32.07
C SER A 67 2.30 35.99 32.13
N LEU A 68 2.02 34.72 32.38
CA LEU A 68 3.09 33.73 32.43
C LEU A 68 3.71 33.54 31.04
N VAL A 69 2.86 33.48 30.01
CA VAL A 69 3.37 33.35 28.66
C VAL A 69 4.33 34.50 28.34
N GLU A 70 3.94 35.71 28.68
CA GLU A 70 4.77 36.89 28.41
C GLU A 70 6.07 36.84 29.20
N LYS A 71 5.98 36.37 30.44
CA LYS A 71 7.16 36.22 31.30
C LYS A 71 8.16 35.20 30.74
N LEU A 72 7.65 34.06 30.26
CA LEU A 72 8.53 33.06 29.67
C LEU A 72 9.18 33.60 28.38
N VAL A 73 8.39 34.25 27.54
CA VAL A 73 8.93 34.82 26.32
C VAL A 73 10.02 35.86 26.67
N SER A 74 9.75 36.64 27.70
CA SER A 74 10.71 37.65 28.15
C SER A 74 12.05 37.03 28.60
N TYR A 75 11.99 35.91 29.32
CA TYR A 75 13.22 35.16 29.66
C TYR A 75 13.98 34.73 28.41
N VAL A 76 13.27 34.12 27.47
CA VAL A 76 13.88 33.57 26.26
C VAL A 76 14.57 34.64 25.41
N GLN A 77 13.89 35.78 25.24
CA GLN A 77 14.40 36.85 24.39
C GLN A 77 15.33 37.83 25.11
N GLY A 78 15.42 37.73 26.44
CA GLY A 78 16.21 38.65 27.22
C GLY A 78 17.32 37.99 28.02
N ASP A 79 17.10 37.82 29.31
CA ASP A 79 18.12 37.34 30.24
C ASP A 79 18.70 35.96 29.94
N LEU A 80 17.94 35.13 29.23
CA LEU A 80 18.44 33.80 28.87
C LEU A 80 18.94 33.74 27.44
N SER A 81 18.82 34.85 26.69
CA SER A 81 19.10 34.82 25.27
C SER A 81 20.58 34.49 24.95
N GLY A 82 21.50 35.17 25.62
CA GLY A 82 22.91 34.85 25.41
C GLY A 82 23.22 33.40 25.75
N LEU A 83 22.68 32.95 26.88
CA LEU A 83 22.90 31.56 27.34
C LEU A 83 22.40 30.55 26.30
N ILE A 84 21.21 30.79 25.76
CA ILE A 84 20.63 29.90 24.75
C ILE A 84 21.49 29.87 23.47
N PHE A 85 21.95 31.04 23.02
CA PHE A 85 22.82 31.09 21.85
C PHE A 85 24.13 30.35 22.06
N ASP A 86 24.66 30.37 23.29
CA ASP A 86 25.91 29.64 23.54
C ASP A 86 25.64 28.14 23.53
N GLU A 87 24.54 27.73 24.16
CA GLU A 87 24.15 26.33 24.08
C GLU A 87 24.04 25.90 22.60
N ALA A 88 23.36 26.71 21.78
CA ALA A 88 23.18 26.36 20.38
C ALA A 88 24.51 26.27 19.62
N ARG A 89 25.39 27.25 19.81
CA ARG A 89 26.72 27.21 19.20
C ARG A 89 27.52 25.97 19.62
N ASN A 90 27.45 25.59 20.90
CA ASN A 90 28.11 24.36 21.33
C ASN A 90 27.49 23.09 20.75
N CYS A 91 26.19 23.09 20.56
CA CYS A 91 25.48 21.90 20.09
C CYS A 91 25.57 21.78 18.58
N LEU A 92 25.67 22.93 17.91
CA LEU A 92 25.70 22.95 16.45
C LEU A 92 27.09 23.34 15.95
N SER A 93 27.35 24.64 15.82
CA SER A 93 28.67 25.13 15.41
C SER A 93 28.97 26.51 15.99
N GLN A 94 30.21 26.70 16.45
CA GLN A 94 30.68 28.01 16.90
C GLN A 94 30.56 29.05 15.76
N GLN A 95 30.52 28.58 14.53
CA GLN A 95 30.55 29.48 13.39
C GLN A 95 29.20 30.14 13.07
N LEU A 96 28.17 29.83 13.86
CA LEU A 96 26.83 30.33 13.61
C LEU A 96 26.52 31.58 14.42
N THR A 97 26.05 32.62 13.73
CA THR A 97 25.73 33.90 14.38
C THR A 97 24.39 33.81 15.11
N ASN A 98 24.14 34.75 16.01
CA ASN A 98 22.85 34.84 16.69
C ASN A 98 21.71 34.94 15.69
N GLU A 99 21.98 35.68 14.62
CA GLU A 99 20.94 35.93 13.63
C GLU A 99 20.56 34.61 12.91
N ALA A 100 21.56 33.82 12.54
CA ALA A 100 21.29 32.52 11.92
C ALA A 100 20.58 31.56 12.89
N LEU A 101 21.04 31.55 14.13
CA LEU A 101 20.50 30.65 15.14
C LEU A 101 19.05 30.98 15.50
N ALA A 102 18.73 32.27 15.57
CA ALA A 102 17.40 32.70 15.94
C ALA A 102 16.37 32.14 14.94
N ASN A 103 16.76 32.07 13.67
CA ASN A 103 15.89 31.53 12.64
C ASN A 103 15.94 30.00 12.59
N TYR A 104 16.68 29.40 13.51
CA TYR A 104 16.80 27.95 13.52
C TYR A 104 16.43 27.39 14.90
N ILE A 105 15.64 28.15 15.63
CA ILE A 105 15.20 27.75 16.97
C ILE A 105 13.69 27.87 17.02
N LYS A 106 13.01 26.91 17.65
CA LYS A 106 11.58 27.05 17.88
C LYS A 106 11.28 26.88 19.36
N VAL A 107 10.17 27.48 19.78
CA VAL A 107 9.82 27.52 21.20
C VAL A 107 8.33 27.21 21.30
N GLY A 108 7.97 26.22 22.10
CA GLY A 108 6.57 25.85 22.16
C GLY A 108 6.28 24.77 23.16
N PHE A 109 4.99 24.51 23.38
CA PHE A 109 4.52 23.46 24.26
C PHE A 109 4.00 22.28 23.46
N HIS A 110 4.04 21.07 24.03
CA HIS A 110 3.26 19.97 23.45
C HIS A 110 1.80 20.14 23.81
N ALA A 111 0.90 19.81 22.88
CA ALA A 111 -0.53 19.95 23.15
C ALA A 111 -1.00 18.87 24.13
N GLY A 112 -0.22 17.79 24.24
CA GLY A 112 -0.54 16.70 25.15
C GLY A 112 0.62 16.07 25.90
N PRO A 113 1.40 16.91 26.62
CA PRO A 113 2.60 16.38 27.25
C PRO A 113 2.37 15.17 28.14
N SER A 114 3.33 14.25 28.23
CA SER A 114 3.20 13.17 29.21
C SER A 114 3.65 13.59 30.61
N MET A 115 4.70 14.41 30.68
CA MET A 115 5.18 14.87 31.99
C MET A 115 4.24 15.93 32.55
N ASN A 116 3.95 15.87 33.84
CA ASN A 116 2.92 16.72 34.42
C ASN A 116 3.36 18.14 34.79
N ASN A 117 4.66 18.37 34.83
CA ASN A 117 5.18 19.70 35.16
C ASN A 117 5.41 20.52 33.91
N LEU A 118 4.72 21.65 33.83
CA LEU A 118 4.75 22.51 32.65
C LEU A 118 6.16 22.78 32.17
N HIS A 119 6.42 22.47 30.91
CA HIS A 119 7.75 22.67 30.34
C HIS A 119 7.65 23.17 28.91
N LEU A 120 8.28 24.32 28.70
CA LEU A 120 8.35 24.96 27.40
C LEU A 120 9.60 24.51 26.66
N HIS A 121 9.42 23.86 25.53
CA HIS A 121 10.52 23.43 24.69
C HIS A 121 11.24 24.57 23.97
N ILE A 122 12.56 24.60 24.05
CA ILE A 122 13.37 25.54 23.29
C ILE A 122 14.43 24.70 22.59
N MET A 123 14.36 24.62 21.26
CA MET A 123 15.16 23.63 20.55
C MET A 123 15.47 24.08 19.12
N THR A 124 16.52 23.52 18.56
CA THR A 124 16.88 23.81 17.18
C THR A 124 15.99 22.99 16.24
N LEU A 125 15.97 23.38 14.96
CA LEU A 125 15.01 22.79 14.02
C LEU A 125 15.46 21.46 13.42
N ASP A 126 16.73 21.11 13.60
CA ASP A 126 17.33 20.00 12.85
C ASP A 126 16.63 18.65 13.06
N HIS A 127 16.24 18.36 14.29
CA HIS A 127 15.85 17.01 14.69
C HIS A 127 16.88 15.97 14.31
N VAL A 128 18.16 16.35 14.41
CA VAL A 128 19.25 15.41 14.29
C VAL A 128 19.76 15.05 15.68
N SER A 129 19.37 13.87 16.15
CA SER A 129 19.73 13.43 17.50
C SER A 129 19.53 11.93 17.68
N PRO A 130 20.47 11.28 18.40
CA PRO A 130 20.30 9.86 18.73
C PRO A 130 19.02 9.58 19.50
N SER A 131 18.52 10.55 20.28
CA SER A 131 17.32 10.33 21.07
C SER A 131 16.04 10.44 20.23
N LEU A 132 16.17 10.92 19.00
CA LEU A 132 15.03 10.91 18.09
C LEU A 132 14.93 9.51 17.50
N LYS A 133 14.00 8.71 18.01
CA LYS A 133 14.02 7.27 17.75
C LYS A 133 12.78 6.74 17.05
N ASN A 134 11.71 7.51 17.03
CA ASN A 134 10.51 7.04 16.33
C ASN A 134 9.69 8.17 15.73
N SER A 135 8.70 7.80 14.92
CA SER A 135 7.85 8.76 14.22
C SER A 135 7.09 9.67 15.17
N ALA A 136 6.57 9.11 16.25
CA ALA A 136 5.83 9.93 17.21
C ALA A 136 6.72 11.07 17.76
N HIS A 137 7.99 10.77 18.05
CA HIS A 137 8.90 11.83 18.48
C HIS A 137 8.89 12.98 17.47
N TYR A 138 9.13 12.65 16.21
CA TYR A 138 9.29 13.66 15.15
C TYR A 138 8.01 14.43 14.97
N ILE A 139 6.91 13.70 14.81
CA ILE A 139 5.61 14.33 14.59
C ILE A 139 5.24 15.26 15.74
N SER A 140 5.58 14.89 16.97
CA SER A 140 5.23 15.70 18.15
C SER A 140 5.85 17.10 18.13
N PHE A 141 6.94 17.27 17.39
CA PHE A 141 7.62 18.57 17.31
C PHE A 141 7.43 19.33 16.01
N THR A 142 6.82 18.69 15.03
CA THR A 142 6.75 19.28 13.69
C THR A 142 5.32 19.39 13.14
N SER A 143 4.35 19.08 13.97
CA SER A 143 2.94 19.17 13.59
C SER A 143 2.28 20.18 14.51
N PRO A 144 0.97 20.40 14.33
CA PRO A 144 0.25 21.32 15.22
C PRO A 144 0.24 20.83 16.66
N PHE A 145 0.71 19.59 16.91
CA PHE A 145 0.86 19.10 18.27
C PHE A 145 1.90 19.95 19.02
N PHE A 146 2.82 20.54 18.27
CA PHE A 146 3.78 21.45 18.85
C PHE A 146 3.16 22.84 18.78
N VAL A 147 2.80 23.36 19.94
CA VAL A 147 2.07 24.63 20.00
C VAL A 147 3.11 25.73 20.24
N LYS A 148 3.51 26.41 19.17
CA LYS A 148 4.49 27.50 19.29
C LYS A 148 4.00 28.57 20.23
N ILE A 149 4.92 29.13 21.01
CA ILE A 149 4.57 30.05 22.07
C ILE A 149 3.91 31.34 21.54
N ASP A 150 4.11 31.64 20.25
CA ASP A 150 3.48 32.85 19.69
C ASP A 150 2.19 32.56 18.91
N THR A 151 1.65 31.36 19.08
CA THR A 151 0.35 31.03 18.49
C THR A 151 -0.75 31.91 19.07
N PRO A 152 -1.52 32.56 18.20
CA PRO A 152 -2.66 33.31 18.72
C PRO A 152 -3.67 32.38 19.40
N THR A 153 -4.29 32.87 20.45
CA THR A 153 -5.24 32.07 21.22
C THR A 153 -6.36 31.49 20.38
N SER A 154 -6.89 32.26 19.44
CA SER A 154 -7.96 31.75 18.58
C SER A 154 -7.48 30.62 17.67
N ASN A 155 -6.18 30.41 17.59
CA ASN A 155 -5.66 29.36 16.71
C ASN A 155 -5.12 28.12 17.46
N LEU A 156 -5.27 28.09 18.77
CA LEU A 156 -4.86 26.94 19.57
C LEU A 156 -5.70 25.71 19.25
N PRO A 157 -5.05 24.52 19.24
CA PRO A 157 -5.78 23.26 19.08
C PRO A 157 -6.56 22.98 20.35
N THR A 158 -7.64 22.23 20.25
CA THR A 158 -8.41 21.85 21.43
C THR A 158 -7.75 20.66 22.15
N ARG A 159 -7.74 20.70 23.48
CA ARG A 159 -7.15 19.61 24.25
C ARG A 159 -7.74 18.24 23.85
N GLY A 160 -6.86 17.26 23.64
CA GLY A 160 -7.27 15.89 23.38
C GLY A 160 -7.62 15.54 21.94
N THR A 161 -7.50 16.48 21.02
CA THR A 161 -8.01 16.28 19.66
C THR A 161 -7.00 15.83 18.60
N LEU A 162 -5.71 15.77 18.96
CA LEU A 162 -4.67 15.60 17.96
C LEU A 162 -4.14 14.17 17.83
N THR A 163 -4.77 13.24 18.53
CA THR A 163 -4.34 11.84 18.50
C THR A 163 -4.00 11.32 17.10
N SER A 164 -4.85 11.64 16.12
CA SER A 164 -4.73 11.08 14.78
C SER A 164 -3.49 11.54 14.01
N LEU A 165 -2.89 12.66 14.42
CA LEU A 165 -1.66 13.12 13.80
C LEU A 165 -0.57 12.06 13.77
N PHE A 166 -0.50 11.24 14.80
CA PHE A 166 0.64 10.36 14.97
C PHE A 166 0.68 9.19 13.99
N GLN A 167 -0.38 9.03 13.22
CA GLN A 167 -0.49 7.94 12.25
C GLN A 167 -0.23 8.43 10.82
N GLU A 168 -0.06 9.74 10.64
CA GLU A 168 0.13 10.27 9.30
C GLU A 168 1.52 9.97 8.72
N ASP A 169 1.65 10.04 7.40
CA ASP A 169 2.93 9.87 6.76
C ASP A 169 3.90 10.96 7.20
N LEU A 170 5.18 10.65 7.11
CA LEU A 170 6.25 11.56 7.51
C LEU A 170 6.64 12.50 6.40
N LYS A 171 6.84 13.76 6.73
CA LYS A 171 7.35 14.73 5.76
C LYS A 171 8.47 15.52 6.40
N CYS A 172 9.53 15.76 5.63
CA CYS A 172 10.63 16.59 6.09
C CYS A 172 10.13 18.00 6.37
N TRP A 173 10.48 18.55 7.52
CA TRP A 173 10.02 19.89 7.87
C TRP A 173 10.65 20.96 6.97
N ARG A 174 11.82 20.68 6.42
CA ARG A 174 12.57 21.72 5.70
C ARG A 174 12.23 21.80 4.21
N CYS A 175 12.10 20.66 3.55
CA CYS A 175 11.94 20.65 2.09
C CYS A 175 10.65 20.00 1.63
N GLY A 176 9.91 19.38 2.56
CA GLY A 176 8.60 18.84 2.25
C GLY A 176 8.57 17.42 1.71
N GLU A 177 9.74 16.87 1.38
CA GLU A 177 9.84 15.48 0.92
C GLU A 177 9.13 14.53 1.87
N THR A 178 8.45 13.54 1.30
CA THR A 178 7.66 12.59 2.10
C THR A 178 8.36 11.23 2.18
N PHE A 179 8.05 10.49 3.24
CA PHE A 179 8.75 9.25 3.54
C PHE A 179 7.82 8.13 4.00
N GLY A 180 6.52 8.33 3.82
CA GLY A 180 5.55 7.37 4.33
C GLY A 180 5.78 7.17 5.81
N ARG A 181 5.94 5.92 6.23
CA ARG A 181 6.23 5.62 7.62
C ARG A 181 7.66 5.11 7.77
N HIS A 182 8.49 5.41 6.79
CA HIS A 182 9.90 5.01 6.80
C HIS A 182 10.75 5.98 7.63
N PHE A 183 10.64 5.85 8.95
CA PHE A 183 11.35 6.73 9.88
C PHE A 183 12.87 6.74 9.71
N THR A 184 13.43 5.57 9.46
CA THR A 184 14.88 5.45 9.31
C THR A 184 15.36 6.27 8.10
N LYS A 185 14.58 6.25 7.03
CA LYS A 185 14.93 7.04 5.85
C LYS A 185 14.81 8.53 6.14
N LEU A 186 13.75 8.91 6.84
CA LEU A 186 13.62 10.31 7.26
C LEU A 186 14.84 10.72 8.08
N LYS A 187 15.20 9.91 9.06
CA LYS A 187 16.36 10.21 9.91
C LYS A 187 17.61 10.52 9.09
N ALA A 188 17.88 9.70 8.08
CA ALA A 188 19.09 9.88 7.28
C ALA A 188 19.00 11.19 6.50
N HIS A 189 17.82 11.48 6.02
CA HIS A 189 17.56 12.70 5.29
C HIS A 189 17.68 13.93 6.18
N LEU A 190 17.29 13.83 7.45
CA LEU A 190 17.42 14.97 8.36
C LEU A 190 18.88 15.31 8.58
N GLN A 191 19.73 14.28 8.63
CA GLN A 191 21.16 14.50 8.70
C GLN A 191 21.64 15.29 7.49
N GLU A 192 21.28 14.83 6.30
CA GLU A 192 21.64 15.55 5.08
C GLU A 192 21.16 17.00 5.11
N GLU A 193 19.92 17.22 5.56
CA GLU A 193 19.35 18.55 5.59
C GLU A 193 20.11 19.44 6.55
N TYR A 194 20.56 18.87 7.66
CA TYR A 194 21.34 19.64 8.61
C TYR A 194 22.69 20.02 7.97
N ASP A 195 23.38 19.03 7.42
CA ASP A 195 24.66 19.29 6.76
C ASP A 195 24.49 20.43 5.74
N ASP A 196 23.42 20.37 4.96
CA ASP A 196 23.16 21.38 3.95
CA ASP A 196 23.16 21.38 3.95
C ASP A 196 22.94 22.76 4.57
N TRP A 197 22.07 22.82 5.58
CA TRP A 197 21.76 24.08 6.26
C TRP A 197 23.02 24.71 6.86
N LEU A 198 23.84 23.87 7.49
CA LEU A 198 25.07 24.35 8.11
C LEU A 198 26.02 24.96 7.10
N ASP A 199 26.26 24.24 6.01
CA ASP A 199 27.15 24.71 4.96
C ASP A 199 26.71 26.07 4.42
N LYS A 200 25.41 26.21 4.23
CA LYS A 200 24.79 27.42 3.71
C LYS A 200 24.86 28.57 4.71
N SER A 201 24.76 28.24 5.99
CA SER A 201 24.68 29.25 7.04
C SER A 201 26.03 29.84 7.37
N VAL A 202 27.06 29.00 7.44
CA VAL A 202 28.40 29.50 7.73
C VAL A 202 28.97 30.22 6.51
N SER A 203 28.55 29.80 5.32
CA SER A 203 28.97 30.47 4.09
C SER A 203 28.51 31.92 4.05
N MET A 204 27.72 32.31 5.05
CA MET A 204 27.19 33.67 5.17
C MET A 204 26.30 34.01 3.97
N SER B 5 13.96 -19.39 -9.34
CA SER B 5 13.08 -18.92 -8.28
C SER B 5 13.21 -19.79 -7.03
N PHE B 6 13.03 -19.18 -5.86
CA PHE B 6 13.06 -19.95 -4.61
C PHE B 6 11.95 -21.01 -4.60
N ARG B 7 10.93 -20.80 -5.42
CA ARG B 7 9.78 -21.68 -5.44
C ARG B 7 10.13 -23.02 -6.08
N ASP B 8 11.27 -23.08 -6.76
CA ASP B 8 11.73 -24.33 -7.38
C ASP B 8 12.81 -25.01 -6.54
N ASN B 9 12.96 -24.59 -5.30
CA ASN B 9 14.03 -25.10 -4.45
C ASN B 9 14.00 -26.62 -4.25
N LEU B 10 12.81 -27.22 -4.27
CA LEU B 10 12.73 -28.66 -3.98
C LEU B 10 13.00 -29.55 -5.19
N LYS B 11 13.11 -28.94 -6.37
CA LYS B 11 13.23 -29.77 -7.55
C LYS B 11 14.52 -30.58 -7.56
N VAL B 12 15.57 -30.08 -6.90
CA VAL B 12 16.83 -30.82 -6.89
C VAL B 12 16.66 -32.19 -6.24
N TYR B 13 15.72 -32.33 -5.32
CA TYR B 13 15.59 -33.63 -4.64
C TYR B 13 14.94 -34.69 -5.53
N ILE B 14 14.06 -34.28 -6.42
CA ILE B 14 13.50 -35.24 -7.36
C ILE B 14 14.35 -35.39 -8.61
N GLU B 15 15.15 -34.38 -8.95
CA GLU B 15 16.05 -34.50 -10.12
C GLU B 15 17.29 -35.34 -9.79
N SER B 16 17.88 -35.09 -8.61
CA SER B 16 19.14 -35.72 -8.24
C SER B 16 19.15 -36.18 -6.80
N PRO B 17 18.26 -37.10 -6.43
CA PRO B 17 18.23 -37.54 -5.03
C PRO B 17 19.56 -38.22 -4.66
N GLU B 18 20.30 -38.69 -5.65
CA GLU B 18 21.59 -39.34 -5.41
C GLU B 18 22.60 -38.39 -4.80
N SER B 19 22.33 -37.08 -4.89
CA SER B 19 23.29 -36.08 -4.44
C SER B 19 23.10 -35.62 -3.00
N TYR B 20 22.02 -36.06 -2.35
CA TYR B 20 21.67 -35.51 -1.03
C TYR B 20 21.52 -36.57 0.05
N LYS B 21 22.33 -36.47 1.09
CA LYS B 21 22.28 -37.45 2.17
C LYS B 21 20.95 -37.38 2.93
N ASN B 22 20.27 -36.22 2.88
CA ASN B 22 18.99 -36.07 3.58
C ASN B 22 17.81 -36.63 2.79
N VAL B 23 18.09 -37.13 1.60
CA VAL B 23 17.13 -37.98 0.90
C VAL B 23 17.23 -39.38 1.50
N ILE B 24 16.27 -39.72 2.35
CA ILE B 24 16.34 -41.00 3.06
C ILE B 24 15.69 -42.17 2.31
N TYR B 25 15.07 -41.87 1.18
CA TYR B 25 14.59 -42.91 0.26
C TYR B 25 14.41 -42.33 -1.12
N TYR B 26 14.76 -43.10 -2.14
CA TYR B 26 14.34 -42.76 -3.49
C TYR B 26 14.17 -43.99 -4.37
N ASP B 27 13.22 -43.92 -5.28
CA ASP B 27 13.12 -44.89 -6.34
C ASP B 27 12.71 -44.15 -7.62
N ASP B 28 12.31 -44.86 -8.65
CA ASP B 28 11.98 -44.15 -9.90
C ASP B 28 10.77 -43.22 -9.73
N ASP B 29 9.92 -43.52 -8.73
CA ASP B 29 8.63 -42.83 -8.56
C ASP B 29 8.58 -41.72 -7.52
N VAL B 30 9.29 -41.87 -6.42
CA VAL B 30 9.18 -40.92 -5.32
C VAL B 30 10.51 -40.70 -4.62
N VAL B 31 10.54 -39.62 -3.84
CA VAL B 31 11.67 -39.31 -2.98
C VAL B 31 11.15 -38.91 -1.61
N LEU B 32 11.76 -39.44 -0.56
CA LEU B 32 11.46 -39.05 0.82
C LEU B 32 12.67 -38.27 1.33
N VAL B 33 12.48 -37.00 1.67
CA VAL B 33 13.59 -36.12 2.04
C VAL B 33 13.28 -35.36 3.35
N ARG B 34 14.31 -35.13 4.16
CA ARG B 34 14.09 -34.35 5.38
C ARG B 34 13.81 -32.90 5.01
N ASP B 35 12.84 -32.29 5.67
CA ASP B 35 12.58 -30.89 5.43
C ASP B 35 13.74 -30.10 6.01
N MET B 36 14.26 -29.15 5.24
CA MET B 36 15.43 -28.39 5.69
C MET B 36 15.09 -27.46 6.86
N PHE B 37 13.81 -27.17 7.04
CA PHE B 37 13.41 -26.29 8.14
C PHE B 37 12.25 -26.93 8.91
N PRO B 38 12.53 -28.03 9.62
CA PRO B 38 11.48 -28.87 10.22
C PRO B 38 10.58 -28.09 11.16
N LYS B 39 9.28 -28.25 11.00
CA LYS B 39 8.33 -27.50 11.80
C LYS B 39 7.81 -28.36 12.95
N SER B 40 8.31 -29.59 13.04
CA SER B 40 8.13 -30.45 14.22
C SER B 40 9.42 -31.23 14.41
N LYS B 41 9.53 -31.98 15.50
CA LYS B 41 10.76 -32.73 15.76
C LYS B 41 11.15 -33.63 14.56
N MET B 42 10.16 -34.29 13.97
CA MET B 42 10.36 -35.00 12.71
C MET B 42 9.52 -34.32 11.67
N HIS B 43 10.12 -33.99 10.52
CA HIS B 43 9.36 -33.38 9.44
C HIS B 43 9.99 -33.84 8.14
N LEU B 44 9.29 -34.71 7.42
CA LEU B 44 9.76 -35.26 6.15
C LEU B 44 8.83 -34.83 5.01
N LEU B 45 9.37 -34.86 3.79
CA LEU B 45 8.58 -34.59 2.60
C LEU B 45 8.61 -35.79 1.67
N LEU B 46 7.44 -36.24 1.22
CA LEU B 46 7.36 -37.29 0.20
C LEU B 46 6.96 -36.68 -1.14
N MET B 47 7.87 -36.78 -2.10
CA MET B 47 7.72 -36.09 -3.39
C MET B 47 7.63 -37.04 -4.58
N THR B 48 6.58 -36.90 -5.37
CA THR B 48 6.52 -37.59 -6.65
C THR B 48 7.63 -37.10 -7.55
N ARG B 49 8.22 -38.01 -8.32
CA ARG B 49 9.25 -37.64 -9.29
C ARG B 49 8.64 -37.44 -10.69
N ASP B 50 7.35 -37.72 -10.82
CA ASP B 50 6.67 -37.60 -12.11
C ASP B 50 6.70 -36.14 -12.59
N PRO B 51 7.30 -35.88 -13.75
CA PRO B 51 7.54 -34.55 -14.31
C PRO B 51 6.26 -33.73 -14.48
N HIS B 52 5.15 -34.43 -14.70
CA HIS B 52 3.87 -33.74 -14.82
C HIS B 52 3.22 -33.56 -13.47
N LEU B 53 3.08 -34.66 -12.72
CA LEU B 53 2.40 -34.62 -11.42
C LEU B 53 3.05 -33.67 -10.43
N THR B 54 4.36 -33.49 -10.50
CA THR B 54 5.05 -32.65 -9.53
C THR B 54 4.53 -31.20 -9.56
N HIS B 55 4.06 -30.76 -10.71
CA HIS B 55 3.55 -29.40 -10.85
C HIS B 55 2.04 -29.29 -10.78
N VAL B 56 1.36 -30.39 -10.47
CA VAL B 56 -0.08 -30.33 -10.26
C VAL B 56 -0.33 -29.82 -8.85
N HIS B 57 -1.29 -28.91 -8.69
CA HIS B 57 -1.61 -28.37 -7.37
C HIS B 57 -2.13 -29.48 -6.43
N PRO B 58 -1.73 -29.46 -5.14
CA PRO B 58 -2.13 -30.57 -4.26
C PRO B 58 -3.64 -30.75 -4.14
N LEU B 59 -4.42 -29.68 -4.22
CA LEU B 59 -5.88 -29.86 -4.15
C LEU B 59 -6.41 -30.59 -5.38
N GLU B 60 -5.78 -30.34 -6.53
CA GLU B 60 -6.14 -31.02 -7.77
C GLU B 60 -5.70 -32.47 -7.68
N ILE B 61 -4.55 -32.70 -7.06
CA ILE B 61 -4.09 -34.07 -6.84
C ILE B 61 -5.13 -34.81 -6.01
N MET B 62 -5.55 -34.20 -4.90
CA MET B 62 -6.53 -34.84 -4.02
C MET B 62 -7.86 -35.13 -4.73
N MET B 63 -8.28 -34.20 -5.58
CA MET B 63 -9.57 -34.31 -6.24
C MET B 63 -9.60 -35.30 -7.38
N LYS B 64 -8.54 -35.31 -8.19
CA LYS B 64 -8.58 -35.96 -9.49
C LYS B 64 -7.42 -36.90 -9.79
N HIS B 65 -6.57 -37.14 -8.80
CA HIS B 65 -5.43 -38.04 -9.00
C HIS B 65 -5.38 -39.06 -7.87
N ARG B 66 -6.47 -39.81 -7.72
CA ARG B 66 -6.60 -40.73 -6.60
C ARG B 66 -5.61 -41.88 -6.65
N SER B 67 -5.16 -42.24 -7.85
CA SER B 67 -4.15 -43.30 -7.96
C SER B 67 -2.86 -42.85 -7.32
N LEU B 68 -2.48 -41.58 -7.54
CA LEU B 68 -1.25 -41.10 -6.92
C LEU B 68 -1.43 -40.98 -5.41
N VAL B 69 -2.60 -40.50 -4.98
CA VAL B 69 -2.87 -40.42 -3.55
C VAL B 69 -2.72 -41.81 -2.93
N GLU B 70 -3.31 -42.81 -3.57
CA GLU B 70 -3.25 -44.18 -3.03
C GLU B 70 -1.82 -44.69 -3.02
N LYS B 71 -1.05 -44.36 -4.04
CA LYS B 71 0.35 -44.77 -4.11
C LYS B 71 1.19 -44.14 -3.00
N LEU B 72 0.99 -42.84 -2.76
CA LEU B 72 1.72 -42.20 -1.66
C LEU B 72 1.34 -42.80 -0.30
N VAL B 73 0.05 -43.02 -0.08
CA VAL B 73 -0.37 -43.63 1.18
C VAL B 73 0.24 -45.02 1.34
N SER B 74 0.31 -45.74 0.23
CA SER B 74 0.89 -47.07 0.26
C SER B 74 2.37 -47.05 0.64
N TYR B 75 3.13 -46.08 0.11
CA TYR B 75 4.52 -45.92 0.54
C TYR B 75 4.62 -45.67 2.04
N VAL B 76 3.81 -44.74 2.53
CA VAL B 76 3.85 -44.33 3.95
C VAL B 76 3.53 -45.49 4.90
N GLN B 77 2.50 -46.26 4.57
CA GLN B 77 2.02 -47.35 5.43
C GLN B 77 2.74 -48.67 5.18
N GLY B 78 3.56 -48.73 4.13
CA GLY B 78 4.21 -49.96 3.73
C GLY B 78 5.73 -49.87 3.74
N ASP B 79 6.31 -49.78 2.55
CA ASP B 79 7.76 -49.85 2.36
C ASP B 79 8.58 -48.77 3.06
N LEU B 80 7.95 -47.64 3.36
CA LEU B 80 8.65 -46.57 4.09
C LEU B 80 8.29 -46.55 5.56
N SER B 81 7.37 -47.42 5.99
CA SER B 81 6.85 -47.33 7.34
C SER B 81 7.93 -47.52 8.41
N GLY B 82 8.73 -48.58 8.28
CA GLY B 82 9.83 -48.78 9.22
C GLY B 82 10.79 -47.61 9.23
N LEU B 83 11.13 -47.11 8.05
CA LEU B 83 12.04 -45.98 7.94
C LEU B 83 11.50 -44.75 8.67
N ILE B 84 10.22 -44.48 8.49
CA ILE B 84 9.58 -43.32 9.14
C ILE B 84 9.59 -43.47 10.67
N PHE B 85 9.27 -44.67 11.16
CA PHE B 85 9.33 -44.91 12.60
C PHE B 85 10.73 -44.73 13.17
N ASP B 86 11.75 -45.10 12.41
CA ASP B 86 13.11 -44.94 12.94
C ASP B 86 13.46 -43.45 13.01
N GLU B 87 13.11 -42.72 11.96
CA GLU B 87 13.33 -41.28 11.95
C GLU B 87 12.64 -40.68 13.19
N ALA B 88 11.39 -41.09 13.42
CA ALA B 88 10.62 -40.55 14.53
C ALA B 88 11.28 -40.88 15.88
N ARG B 89 11.70 -42.13 16.07
CA ARG B 89 12.39 -42.50 17.30
C ARG B 89 13.69 -41.70 17.51
N ASN B 90 14.45 -41.49 16.43
CA ASN B 90 15.65 -40.67 16.54
C ASN B 90 15.34 -39.20 16.83
N CYS B 91 14.19 -38.72 16.39
CA CYS B 91 13.86 -37.30 16.51
C CYS B 91 13.19 -37.04 17.84
N LEU B 92 12.48 -38.04 18.33
CA LEU B 92 11.75 -37.90 19.58
C LEU B 92 12.41 -38.73 20.69
N SER B 93 12.08 -40.01 20.77
CA SER B 93 12.70 -40.91 21.74
C SER B 93 12.70 -42.36 21.27
N GLN B 94 13.79 -43.07 21.54
CA GLN B 94 13.88 -44.51 21.25
C GLN B 94 12.81 -45.30 22.01
N GLN B 95 12.29 -44.72 23.08
CA GLN B 95 11.38 -45.44 23.94
C GLN B 95 9.94 -45.47 23.43
N LEU B 96 9.70 -44.86 22.28
CA LEU B 96 8.34 -44.79 21.73
C LEU B 96 8.07 -45.93 20.76
N THR B 97 6.97 -46.64 20.99
CA THR B 97 6.59 -47.77 20.15
C THR B 97 5.98 -47.29 18.84
N ASN B 98 5.90 -48.16 17.84
CA ASN B 98 5.24 -47.81 16.58
C ASN B 98 3.81 -47.34 16.81
N GLU B 99 3.17 -47.97 17.78
CA GLU B 99 1.77 -47.71 18.04
C GLU B 99 1.59 -46.28 18.59
N ALA B 100 2.46 -45.89 19.51
CA ALA B 100 2.42 -44.53 20.06
C ALA B 100 2.75 -43.50 18.99
N LEU B 101 3.78 -43.78 18.20
CA LEU B 101 4.23 -42.89 17.14
C LEU B 101 3.18 -42.69 16.04
N ALA B 102 2.47 -43.76 15.69
CA ALA B 102 1.50 -43.70 14.60
C ALA B 102 0.40 -42.71 14.94
N ASN B 103 0.06 -42.62 16.23
CA ASN B 103 -0.92 -41.66 16.70
C ASN B 103 -0.33 -40.29 16.98
N TYR B 104 0.93 -40.10 16.61
CA TYR B 104 1.58 -38.82 16.84
C TYR B 104 2.21 -38.32 15.54
N ILE B 105 1.71 -38.83 14.42
CA ILE B 105 2.21 -38.47 13.10
C ILE B 105 1.03 -38.01 12.26
N LYS B 106 1.21 -36.94 11.48
CA LYS B 106 0.19 -36.51 10.55
C LYS B 106 0.81 -36.40 9.17
N VAL B 107 -0.03 -36.57 8.16
CA VAL B 107 0.41 -36.67 6.78
C VAL B 107 -0.55 -35.85 5.94
N GLY B 108 -0.05 -34.90 5.17
CA GLY B 108 -0.94 -34.06 4.42
C GLY B 108 -0.23 -33.02 3.58
N PHE B 109 -1.01 -32.34 2.75
CA PHE B 109 -0.52 -31.26 1.89
C PHE B 109 -0.90 -29.89 2.44
N HIS B 110 -0.15 -28.86 2.06
CA HIS B 110 -0.61 -27.50 2.27
C HIS B 110 -1.62 -27.15 1.20
N ALA B 111 -2.67 -26.41 1.57
CA ALA B 111 -3.68 -25.99 0.60
C ALA B 111 -3.11 -24.94 -0.36
N GLY B 112 -2.06 -24.26 0.07
CA GLY B 112 -1.43 -23.24 -0.75
C GLY B 112 0.09 -23.19 -0.72
N PRO B 113 0.74 -24.32 -1.01
CA PRO B 113 2.20 -24.35 -0.86
C PRO B 113 2.94 -23.28 -1.63
N SER B 114 4.06 -22.78 -1.10
CA SER B 114 4.91 -21.87 -1.88
C SER B 114 5.79 -22.61 -2.88
N MET B 115 6.35 -23.75 -2.47
CA MET B 115 7.22 -24.51 -3.38
C MET B 115 6.38 -25.20 -4.44
N ASN B 116 6.86 -25.19 -5.68
CA ASN B 116 6.06 -25.64 -6.81
C ASN B 116 6.06 -27.14 -7.06
N ASN B 117 7.00 -27.85 -6.45
CA ASN B 117 7.07 -29.30 -6.61
C ASN B 117 6.29 -30.01 -5.51
N LEU B 118 5.29 -30.78 -5.92
CA LEU B 118 4.35 -31.42 -5.00
C LEU B 118 5.08 -32.14 -3.88
N HIS B 119 4.74 -31.80 -2.65
CA HIS B 119 5.37 -32.44 -1.50
C HIS B 119 4.37 -32.70 -0.39
N LEU B 120 4.28 -33.97 -0.02
CA LEU B 120 3.44 -34.44 1.06
C LEU B 120 4.20 -34.39 2.38
N HIS B 121 3.69 -33.64 3.32
CA HIS B 121 4.31 -33.53 4.63
C HIS B 121 4.03 -34.80 5.46
N ILE B 122 5.07 -35.33 6.10
CA ILE B 122 4.94 -36.42 7.06
C ILE B 122 5.70 -35.97 8.30
N MET B 123 4.99 -35.72 9.40
CA MET B 123 5.61 -35.02 10.52
C MET B 123 4.94 -35.39 11.84
N THR B 124 5.68 -35.23 12.93
CA THR B 124 5.11 -35.47 14.25
C THR B 124 4.24 -34.29 14.68
N LEU B 125 3.39 -34.51 15.69
CA LEU B 125 2.38 -33.50 16.04
C LEU B 125 2.91 -32.37 16.93
N ASP B 126 4.11 -32.53 17.47
CA ASP B 126 4.58 -31.67 18.57
C ASP B 126 4.67 -30.19 18.21
N HIS B 127 5.09 -29.90 16.98
CA HIS B 127 5.52 -28.56 16.60
C HIS B 127 6.53 -27.94 17.56
N VAL B 128 7.42 -28.78 18.09
CA VAL B 128 8.55 -28.29 18.87
C VAL B 128 9.81 -28.30 18.00
N SER B 129 10.21 -27.12 17.54
CA SER B 129 11.34 -27.01 16.62
C SER B 129 11.85 -25.58 16.52
N PRO B 130 13.19 -25.41 16.49
CA PRO B 130 13.77 -24.09 16.29
C PRO B 130 13.30 -23.44 15.00
N SER B 131 12.96 -24.23 13.99
CA SER B 131 12.52 -23.66 12.72
C SER B 131 11.07 -23.19 12.74
N LEU B 132 10.33 -23.54 13.78
CA LEU B 132 8.99 -22.99 13.94
C LEU B 132 9.14 -21.60 14.58
N LYS B 133 9.01 -20.56 13.75
CA LYS B 133 9.42 -19.23 14.18
C LYS B 133 8.32 -18.19 14.13
N ASN B 134 7.18 -18.52 13.56
CA ASN B 134 6.08 -17.55 13.54
C ASN B 134 4.70 -18.20 13.49
N SER B 135 3.67 -17.39 13.72
CA SER B 135 2.30 -17.90 13.74
C SER B 135 1.88 -18.55 12.42
N ALA B 136 2.26 -17.96 11.30
CA ALA B 136 1.89 -18.55 10.02
C ALA B 136 2.39 -19.99 9.89
N HIS B 137 3.63 -20.24 10.33
CA HIS B 137 4.15 -21.61 10.34
C HIS B 137 3.18 -22.54 11.06
N TYR B 138 2.85 -22.19 12.29
CA TYR B 138 2.04 -23.05 13.14
C TYR B 138 0.65 -23.26 12.56
N ILE B 139 0.01 -22.16 12.17
CA ILE B 139 -1.34 -22.22 11.61
C ILE B 139 -1.38 -23.07 10.34
N SER B 140 -0.33 -22.97 9.51
CA SER B 140 -0.28 -23.72 8.25
C SER B 140 -0.34 -25.23 8.45
N PHE B 141 0.02 -25.72 9.63
CA PHE B 141 0.04 -27.17 9.91
C PHE B 141 -1.08 -27.66 10.83
N THR B 142 -1.82 -26.74 11.43
CA THR B 142 -2.79 -27.12 12.44
C THR B 142 -4.22 -26.66 12.14
N SER B 143 -4.42 -26.07 10.97
CA SER B 143 -5.72 -25.57 10.54
C SER B 143 -6.14 -26.36 9.31
N PRO B 144 -7.31 -26.05 8.75
CA PRO B 144 -7.71 -26.71 7.51
C PRO B 144 -6.78 -26.41 6.34
N PHE B 145 -5.85 -25.47 6.52
CA PHE B 145 -4.83 -25.23 5.49
C PHE B 145 -3.98 -26.48 5.34
N PHE B 146 -3.89 -27.26 6.40
CA PHE B 146 -3.22 -28.55 6.30
C PHE B 146 -4.25 -29.57 5.88
N VAL B 147 -4.14 -30.01 4.63
CA VAL B 147 -5.11 -30.95 4.06
C VAL B 147 -4.61 -32.38 4.28
N LYS B 148 -5.14 -33.05 5.30
CA LYS B 148 -4.71 -34.41 5.61
C LYS B 148 -4.99 -35.33 4.44
N ILE B 149 -4.12 -36.30 4.24
CA ILE B 149 -4.15 -37.11 3.02
C ILE B 149 -5.41 -38.01 2.98
N ASP B 150 -6.05 -38.23 4.12
CA ASP B 150 -7.27 -39.03 4.14
C ASP B 150 -8.56 -38.18 4.17
N THR B 151 -8.44 -36.90 3.87
CA THR B 151 -9.62 -36.04 3.74
C THR B 151 -10.50 -36.49 2.58
N PRO B 152 -11.80 -36.68 2.84
CA PRO B 152 -12.68 -37.00 1.72
C PRO B 152 -12.74 -35.84 0.73
N THR B 153 -12.83 -36.18 -0.54
CA THR B 153 -12.84 -35.16 -1.59
C THR B 153 -13.91 -34.10 -1.38
N SER B 154 -15.11 -34.53 -0.99
CA SER B 154 -16.19 -33.57 -0.79
C SER B 154 -15.87 -32.59 0.34
N ASN B 155 -14.83 -32.87 1.12
CA ASN B 155 -14.51 -32.01 2.25
C ASN B 155 -13.24 -31.18 2.07
N LEU B 156 -12.66 -31.22 0.87
CA LEU B 156 -11.48 -30.42 0.56
C LEU B 156 -11.83 -28.93 0.55
N PRO B 157 -10.89 -28.09 1.01
CA PRO B 157 -11.07 -26.64 0.89
C PRO B 157 -10.91 -26.23 -0.56
N THR B 158 -11.50 -25.10 -0.94
CA THR B 158 -11.32 -24.60 -2.31
C THR B 158 -10.01 -23.82 -2.42
N ARG B 159 -9.30 -24.04 -3.52
CA ARG B 159 -8.03 -23.36 -3.75
C ARG B 159 -8.16 -21.84 -3.56
N GLY B 160 -7.22 -21.26 -2.79
CA GLY B 160 -7.13 -19.83 -2.64
C GLY B 160 -8.02 -19.20 -1.58
N THR B 161 -8.81 -20.00 -0.85
CA THR B 161 -9.83 -19.45 0.05
C THR B 161 -9.45 -19.31 1.53
N LEU B 162 -8.26 -19.78 1.90
CA LEU B 162 -7.94 -19.87 3.33
C LEU B 162 -7.03 -18.74 3.85
N THR B 163 -6.79 -17.73 3.03
CA THR B 163 -5.93 -16.61 3.43
C THR B 163 -6.24 -16.08 4.84
N SER B 164 -7.51 -15.99 5.19
CA SER B 164 -7.92 -15.36 6.45
C SER B 164 -7.52 -16.15 7.70
N LEU B 165 -7.26 -17.44 7.53
CA LEU B 165 -6.86 -18.29 8.64
C LEU B 165 -5.64 -17.72 9.37
N PHE B 166 -4.75 -17.09 8.62
CA PHE B 166 -3.45 -16.73 9.16
C PHE B 166 -3.48 -15.55 10.13
N GLN B 167 -4.65 -14.91 10.22
CA GLN B 167 -4.82 -13.76 11.10
C GLN B 167 -5.49 -14.14 12.41
N GLU B 168 -5.96 -15.38 12.51
CA GLU B 168 -6.73 -15.79 13.68
C GLU B 168 -5.86 -15.99 14.95
N ASP B 169 -6.50 -15.98 16.11
CA ASP B 169 -5.81 -16.23 17.35
C ASP B 169 -5.24 -17.65 17.37
N LEU B 170 -4.17 -17.83 18.14
CA LEU B 170 -3.47 -19.09 18.24
C LEU B 170 -4.11 -19.98 19.30
N LYS B 171 -4.26 -21.27 18.99
CA LYS B 171 -4.73 -22.23 19.98
C LYS B 171 -3.86 -23.47 19.94
N CYS B 172 -3.57 -24.02 21.11
CA CYS B 172 -2.81 -25.26 21.20
C CYS B 172 -3.59 -26.39 20.55
N TRP B 173 -2.93 -27.14 19.66
CA TRP B 173 -3.59 -28.24 18.97
C TRP B 173 -3.98 -29.36 19.91
N ARG B 174 -3.27 -29.48 21.02
CA ARG B 174 -3.45 -30.62 21.91
C ARG B 174 -4.48 -30.42 23.02
N CYS B 175 -4.49 -29.23 23.64
CA CYS B 175 -5.37 -29.03 24.79
C CYS B 175 -6.37 -27.90 24.57
N GLY B 176 -6.22 -27.16 23.48
CA GLY B 176 -7.18 -26.13 23.12
C GLY B 176 -6.94 -24.74 23.73
N GLU B 177 -6.00 -24.63 24.66
CA GLU B 177 -5.66 -23.34 25.26
C GLU B 177 -5.37 -22.30 24.19
N THR B 178 -5.83 -21.07 24.42
CA THR B 178 -5.65 -19.99 23.45
C THR B 178 -4.55 -19.03 23.90
N PHE B 179 -3.94 -18.35 22.93
CA PHE B 179 -2.76 -17.53 23.20
C PHE B 179 -2.80 -16.21 22.46
N GLY B 180 -3.97 -15.87 21.92
CA GLY B 180 -4.09 -14.68 21.11
C GLY B 180 -3.11 -14.71 19.97
N ARG B 181 -2.30 -13.67 19.85
CA ARG B 181 -1.25 -13.64 18.83
C ARG B 181 0.11 -13.75 19.48
N HIS B 182 0.12 -14.20 20.74
CA HIS B 182 1.38 -14.37 21.47
C HIS B 182 2.07 -15.68 21.09
N PHE B 183 2.80 -15.66 19.97
CA PHE B 183 3.47 -16.84 19.46
C PHE B 183 4.54 -17.41 20.38
N THR B 184 5.30 -16.53 21.02
CA THR B 184 6.37 -16.96 21.90
C THR B 184 5.80 -17.75 23.07
N LYS B 185 4.65 -17.33 23.57
CA LYS B 185 3.99 -18.04 24.65
C LYS B 185 3.47 -19.40 24.20
N LEU B 186 2.90 -19.45 23.01
CA LEU B 186 2.48 -20.73 22.43
C LEU B 186 3.68 -21.65 22.35
N LYS B 187 4.79 -21.15 21.81
CA LYS B 187 6.00 -21.95 21.67
C LYS B 187 6.40 -22.62 22.98
N ALA B 188 6.43 -21.85 24.06
CA ALA B 188 6.85 -22.36 25.36
C ALA B 188 5.88 -23.45 25.81
N HIS B 189 4.61 -23.23 25.53
CA HIS B 189 3.57 -24.17 25.89
C HIS B 189 3.67 -25.47 25.08
N LEU B 190 4.03 -25.38 23.81
CA LEU B 190 4.21 -26.58 22.98
C LEU B 190 5.33 -27.46 23.54
N GLN B 191 6.38 -26.83 24.05
CA GLN B 191 7.45 -27.57 24.69
C GLN B 191 6.88 -28.36 25.85
N GLU B 192 6.16 -27.68 26.73
CA GLU B 192 5.53 -28.33 27.88
C GLU B 192 4.62 -29.47 27.44
N GLU B 193 3.82 -29.23 26.40
CA GLU B 193 2.91 -30.25 25.91
C GLU B 193 3.67 -31.46 25.40
N TYR B 194 4.82 -31.23 24.76
CA TYR B 194 5.62 -32.35 24.29
C TYR B 194 6.18 -33.15 25.47
N ASP B 195 6.81 -32.46 26.42
CA ASP B 195 7.29 -33.11 27.64
C ASP B 195 6.20 -33.97 28.28
N ASP B 196 5.01 -33.40 28.41
CA ASP B 196 3.87 -34.11 29.01
C ASP B 196 3.50 -35.36 28.21
N TRP B 197 3.36 -35.20 26.89
CA TRP B 197 3.01 -36.31 26.03
C TRP B 197 4.05 -37.43 26.09
N LEU B 198 5.33 -37.05 26.07
CA LEU B 198 6.42 -38.01 26.13
C LEU B 198 6.40 -38.82 27.43
N ASP B 199 6.27 -38.12 28.54
CA ASP B 199 6.22 -38.77 29.84
C ASP B 199 5.09 -39.79 29.90
N LYS B 200 3.93 -39.40 29.37
CA LYS B 200 2.73 -40.24 29.35
C LYS B 200 2.88 -41.44 28.42
N SER B 201 3.68 -41.26 27.36
CA SER B 201 3.77 -42.25 26.31
C SER B 201 4.77 -43.36 26.60
N VAL B 202 5.86 -43.02 27.27
CA VAL B 202 6.86 -44.02 27.62
C VAL B 202 6.45 -44.74 28.90
N SER B 203 5.62 -44.07 29.70
CA SER B 203 5.11 -44.66 30.94
C SER B 203 4.11 -45.78 30.66
N MET B 204 4.09 -46.25 29.41
CA MET B 204 3.22 -47.33 28.97
C MET B 204 1.84 -47.23 29.62
N SER C 5 -29.30 -8.57 -27.75
CA SER C 5 -28.32 -8.36 -26.68
C SER C 5 -26.97 -8.97 -27.04
N PHE C 6 -25.90 -8.35 -26.56
CA PHE C 6 -24.55 -8.89 -26.75
C PHE C 6 -24.42 -10.29 -26.14
N ARG C 7 -25.24 -10.58 -25.13
CA ARG C 7 -25.16 -11.84 -24.42
C ARG C 7 -25.60 -13.01 -25.31
N ASP C 8 -26.25 -12.70 -26.42
CA ASP C 8 -26.68 -13.74 -27.37
C ASP C 8 -25.73 -13.84 -28.55
N ASN C 9 -24.57 -13.21 -28.45
CA ASN C 9 -23.60 -13.18 -29.57
C ASN C 9 -23.18 -14.55 -30.10
N LEU C 10 -23.18 -15.58 -29.25
CA LEU C 10 -22.67 -16.89 -29.69
C LEU C 10 -23.73 -17.75 -30.37
N LYS C 11 -24.99 -17.34 -30.30
CA LYS C 11 -26.03 -18.19 -30.80
C LYS C 11 -25.89 -18.41 -32.32
N VAL C 12 -25.30 -17.46 -33.03
CA VAL C 12 -25.17 -17.64 -34.47
C VAL C 12 -24.35 -18.88 -34.82
N TYR C 13 -23.44 -19.28 -33.93
CA TYR C 13 -22.59 -20.44 -34.26
C TYR C 13 -23.34 -21.76 -34.16
N ILE C 14 -24.28 -21.85 -33.23
CA ILE C 14 -25.06 -23.08 -33.12
C ILE C 14 -26.23 -23.08 -34.08
N GLU C 15 -26.73 -21.91 -34.46
CA GLU C 15 -27.85 -21.84 -35.38
CA GLU C 15 -27.85 -21.87 -35.38
C GLU C 15 -27.40 -22.02 -36.83
N SER C 16 -26.30 -21.36 -37.20
CA SER C 16 -25.80 -21.41 -38.58
C SER C 16 -24.31 -21.65 -38.69
N PRO C 17 -23.82 -22.80 -38.20
CA PRO C 17 -22.38 -23.06 -38.22
C PRO C 17 -21.87 -23.10 -39.66
N GLU C 18 -22.76 -23.38 -40.62
CA GLU C 18 -22.40 -23.43 -42.03
C GLU C 18 -21.91 -22.08 -42.55
N SER C 19 -22.20 -21.02 -41.81
CA SER C 19 -21.89 -19.67 -42.28
C SER C 19 -20.52 -19.13 -41.83
N TYR C 20 -19.82 -19.85 -40.96
CA TYR C 20 -18.61 -19.31 -40.33
C TYR C 20 -17.39 -20.19 -40.52
N LYS C 21 -16.36 -19.66 -41.16
CA LYS C 21 -15.15 -20.45 -41.39
C LYS C 21 -14.43 -20.80 -40.09
N ASN C 22 -14.64 -20.00 -39.04
CA ASN C 22 -14.00 -20.27 -37.76
C ASN C 22 -14.72 -21.35 -36.94
N VAL C 23 -15.83 -21.85 -37.47
CA VAL C 23 -16.42 -23.07 -36.94
C VAL C 23 -15.62 -24.22 -37.54
N ILE C 24 -14.76 -24.83 -36.72
CA ILE C 24 -13.88 -25.89 -37.21
C ILE C 24 -14.45 -27.30 -37.11
N TYR C 25 -15.63 -27.42 -36.48
CA TYR C 25 -16.39 -28.66 -36.52
C TYR C 25 -17.84 -28.36 -36.25
N TYR C 26 -18.74 -29.02 -36.97
CA TYR C 26 -20.12 -29.05 -36.52
C TYR C 26 -20.80 -30.37 -36.88
N ASP C 27 -21.73 -30.78 -36.03
CA ASP C 27 -22.65 -31.85 -36.39
C ASP C 27 -24.02 -31.49 -35.83
N ASP C 28 -24.93 -32.44 -35.78
CA ASP C 28 -26.28 -32.12 -35.31
C ASP C 28 -26.29 -31.70 -33.84
N ASP C 29 -25.30 -32.15 -33.07
CA ASP C 29 -25.27 -31.98 -31.62
C ASP C 29 -24.40 -30.86 -31.06
N VAL C 30 -23.26 -30.59 -31.72
CA VAL C 30 -22.30 -29.64 -31.18
C VAL C 30 -21.61 -28.85 -32.28
N VAL C 31 -20.98 -27.75 -31.86
CA VAL C 31 -20.16 -26.91 -32.71
C VAL C 31 -18.87 -26.55 -31.97
N LEU C 32 -17.74 -26.70 -32.64
CA LEU C 32 -16.45 -26.23 -32.12
C LEU C 32 -16.04 -25.00 -32.93
N VAL C 33 -15.85 -23.87 -32.24
CA VAL C 33 -15.61 -22.60 -32.91
C VAL C 33 -14.43 -21.88 -32.26
N ARG C 34 -13.65 -21.17 -33.05
CA ARG C 34 -12.59 -20.34 -32.48
C ARG C 34 -13.18 -19.19 -31.67
N ASP C 35 -12.60 -18.93 -30.50
CA ASP C 35 -13.03 -17.76 -29.75
C ASP C 35 -12.56 -16.53 -30.51
N MET C 36 -13.44 -15.54 -30.66
CA MET C 36 -13.10 -14.35 -31.42
C MET C 36 -12.06 -13.48 -30.68
N PHE C 37 -11.96 -13.67 -29.36
CA PHE C 37 -11.01 -12.90 -28.58
C PHE C 37 -10.18 -13.83 -27.70
N PRO C 38 -9.32 -14.63 -28.33
CA PRO C 38 -8.64 -15.74 -27.64
C PRO C 38 -7.83 -15.27 -26.44
N LYS C 39 -8.00 -15.94 -25.32
CA LYS C 39 -7.32 -15.50 -24.11
C LYS C 39 -6.03 -16.33 -23.86
N SER C 40 -5.75 -17.26 -24.79
CA SER C 40 -4.47 -17.96 -24.85
C SER C 40 -4.13 -18.16 -26.33
N LYS C 41 -2.94 -18.66 -26.62
CA LYS C 41 -2.57 -18.87 -28.01
C LYS C 41 -3.62 -19.67 -28.81
N MET C 42 -4.12 -20.75 -28.21
CA MET C 42 -5.26 -21.46 -28.78
C MET C 42 -6.41 -21.29 -27.84
N HIS C 43 -7.58 -20.91 -28.35
CA HIS C 43 -8.76 -20.77 -27.50
C HIS C 43 -9.98 -21.12 -28.33
N LEU C 44 -10.56 -22.28 -28.03
CA LEU C 44 -11.72 -22.79 -28.76
C LEU C 44 -12.92 -22.90 -27.82
N LEU C 45 -14.12 -22.89 -28.41
CA LEU C 45 -15.35 -23.08 -27.65
C LEU C 45 -16.11 -24.28 -28.19
N LEU C 46 -16.53 -25.19 -27.31
CA LEU C 46 -17.36 -26.31 -27.71
C LEU C 46 -18.78 -26.08 -27.22
N MET C 47 -19.70 -25.93 -28.16
CA MET C 47 -21.08 -25.53 -27.84
C MET C 47 -22.10 -26.59 -28.22
N THR C 48 -22.94 -26.98 -27.26
CA THR C 48 -24.11 -27.80 -27.58
C THR C 48 -25.06 -27.02 -28.49
N ARG C 49 -25.69 -27.71 -29.42
CA ARG C 49 -26.69 -27.08 -30.28
C ARG C 49 -28.10 -27.30 -29.73
N ASP C 50 -28.21 -28.10 -28.67
CA ASP C 50 -29.51 -28.44 -28.09
C ASP C 50 -30.20 -27.15 -27.59
N PRO C 51 -31.41 -26.86 -28.12
CA PRO C 51 -32.13 -25.61 -27.88
C PRO C 51 -32.44 -25.36 -26.41
N HIS C 52 -32.60 -26.45 -25.65
CA HIS C 52 -32.83 -26.33 -24.22
C HIS C 52 -31.52 -26.21 -23.46
N LEU C 53 -30.63 -27.18 -23.67
CA LEU C 53 -29.37 -27.25 -22.94
C LEU C 53 -28.50 -26.01 -23.11
N THR C 54 -28.58 -25.36 -24.27
CA THR C 54 -27.74 -24.19 -24.50
C THR C 54 -27.99 -23.08 -23.46
N HIS C 55 -29.22 -23.00 -22.97
CA HIS C 55 -29.55 -21.96 -22.00
C HIS C 55 -29.53 -22.44 -20.55
N VAL C 56 -29.05 -23.66 -20.32
CA VAL C 56 -28.86 -24.13 -18.96
C VAL C 56 -27.52 -23.59 -18.44
N HIS C 57 -27.51 -23.13 -17.19
CA HIS C 57 -26.30 -22.57 -16.61
C HIS C 57 -25.21 -23.66 -16.48
N PRO C 58 -23.93 -23.31 -16.72
CA PRO C 58 -22.90 -24.36 -16.71
C PRO C 58 -22.80 -25.11 -15.38
N LEU C 59 -23.04 -24.43 -14.26
CA LEU C 59 -22.98 -25.15 -12.99
C LEU C 59 -24.09 -26.19 -12.88
N GLU C 60 -25.25 -25.87 -13.43
CA GLU C 60 -26.39 -26.79 -13.46
C GLU C 60 -26.08 -27.94 -14.41
N ILE C 61 -25.41 -27.62 -15.51
CA ILE C 61 -24.97 -28.66 -16.43
C ILE C 61 -24.06 -29.64 -15.71
N MET C 62 -23.07 -29.11 -15.00
CA MET C 62 -22.12 -29.94 -14.27
C MET C 62 -22.80 -30.80 -13.21
N MET C 63 -23.80 -30.23 -12.55
CA MET C 63 -24.47 -30.91 -11.45
C MET C 63 -25.46 -31.97 -11.88
N LYS C 64 -26.25 -31.67 -12.91
CA LYS C 64 -27.44 -32.44 -13.19
C LYS C 64 -27.57 -32.92 -14.64
N HIS C 65 -26.55 -32.68 -15.43
CA HIS C 65 -26.61 -33.10 -16.84
C HIS C 65 -25.35 -33.87 -17.20
N ARG C 66 -25.13 -34.97 -16.49
CA ARG C 66 -23.87 -35.70 -16.62
C ARG C 66 -23.74 -36.38 -17.98
N SER C 67 -24.86 -36.68 -18.63
CA SER C 67 -24.81 -37.28 -19.97
C SER C 67 -24.19 -36.29 -20.94
N LEU C 68 -24.58 -35.03 -20.84
CA LEU C 68 -24.03 -34.01 -21.73
C LEU C 68 -22.54 -33.79 -21.42
N VAL C 69 -22.19 -33.77 -20.13
CA VAL C 69 -20.80 -33.58 -19.75
C VAL C 69 -19.98 -34.70 -20.37
N GLU C 70 -20.47 -35.93 -20.24
CA GLU C 70 -19.77 -37.09 -20.78
C GLU C 70 -19.66 -37.02 -22.31
N LYS C 71 -20.71 -36.57 -22.97
CA LYS C 71 -20.70 -36.40 -24.41
C LYS C 71 -19.66 -35.36 -24.86
N LEU C 72 -19.61 -34.22 -24.18
CA LEU C 72 -18.61 -33.20 -24.52
C LEU C 72 -17.18 -33.71 -24.30
N VAL C 73 -16.95 -34.37 -23.18
CA VAL C 73 -15.62 -34.93 -22.92
C VAL C 73 -15.29 -35.97 -23.99
N SER C 74 -16.29 -36.73 -24.40
CA SER C 74 -16.07 -37.74 -25.43
C SER C 74 -15.66 -37.11 -26.77
N TYR C 75 -16.28 -35.99 -27.13
CA TYR C 75 -15.86 -35.24 -28.33
C TYR C 75 -14.40 -34.79 -28.22
N VAL C 76 -14.05 -34.20 -27.09
CA VAL C 76 -12.72 -33.62 -26.91
C VAL C 76 -11.61 -34.67 -26.96
N GLN C 77 -11.86 -35.80 -26.33
CA GLN C 77 -10.86 -36.87 -26.24
C GLN C 77 -10.90 -37.86 -27.40
N GLY C 78 -11.92 -37.74 -28.26
CA GLY C 78 -12.11 -38.66 -29.37
C GLY C 78 -12.09 -37.99 -30.72
N ASP C 79 -13.28 -37.85 -31.32
CA ASP C 79 -13.43 -37.38 -32.70
C ASP C 79 -12.89 -35.98 -32.99
N LEU C 80 -12.76 -35.14 -31.97
CA LEU C 80 -12.18 -33.81 -32.16
C LEU C 80 -10.73 -33.73 -31.72
N SER C 81 -10.18 -34.82 -31.19
CA SER C 81 -8.85 -34.76 -30.59
C SER C 81 -7.75 -34.37 -31.59
N GLY C 82 -7.71 -35.05 -32.73
CA GLY C 82 -6.73 -34.70 -33.76
C GLY C 82 -6.87 -33.26 -34.19
N LEU C 83 -8.12 -32.82 -34.40
CA LEU C 83 -8.39 -31.45 -34.82
C LEU C 83 -7.85 -30.43 -33.79
N ILE C 84 -8.09 -30.70 -32.51
CA ILE C 84 -7.61 -29.80 -31.45
C ILE C 84 -6.08 -29.76 -31.40
N PHE C 85 -5.43 -30.91 -31.52
CA PHE C 85 -3.97 -30.94 -31.55
C PHE C 85 -3.39 -30.18 -32.74
N ASP C 86 -4.07 -30.20 -33.87
CA ASP C 86 -3.56 -29.45 -35.04
C ASP C 86 -3.73 -27.96 -34.81
N GLU C 87 -4.88 -27.58 -34.27
CA GLU C 87 -5.07 -26.18 -33.93
C GLU C 87 -3.98 -25.74 -32.95
N ALA C 88 -3.67 -26.57 -31.96
CA ALA C 88 -2.65 -26.22 -30.98
C ALA C 88 -1.26 -26.09 -31.63
N ARG C 89 -0.91 -27.03 -32.49
CA ARG C 89 0.37 -26.96 -33.17
C ARG C 89 0.47 -25.72 -34.06
N ASN C 90 -0.61 -25.36 -34.73
CA ASN C 90 -0.61 -24.12 -35.51
C ASN C 90 -0.54 -22.86 -34.66
N CYS C 91 -1.07 -22.91 -33.45
CA CYS C 91 -1.14 -21.72 -32.62
C CYS C 91 0.13 -21.57 -31.81
N LEU C 92 0.75 -22.70 -31.51
CA LEU C 92 1.96 -22.73 -30.69
C LEU C 92 3.19 -23.07 -31.52
N SER C 93 3.46 -24.37 -31.69
CA SER C 93 4.57 -24.81 -32.53
C SER C 93 4.31 -26.20 -33.12
N GLN C 94 4.65 -26.38 -34.39
CA GLN C 94 4.58 -27.68 -35.05
C GLN C 94 5.45 -28.72 -34.31
N GLN C 95 6.43 -28.24 -33.54
CA GLN C 95 7.36 -29.15 -32.90
C GLN C 95 6.83 -29.81 -31.62
N LEU C 96 5.59 -29.51 -31.26
CA LEU C 96 5.03 -30.04 -30.01
C LEU C 96 4.23 -31.31 -30.24
N THR C 97 4.53 -32.36 -29.47
CA THR C 97 3.85 -33.64 -29.60
C THR C 97 2.47 -33.58 -28.95
N ASN C 98 1.62 -34.57 -29.25
CA ASN C 98 0.30 -34.66 -28.61
C ASN C 98 0.44 -34.76 -27.09
N GLU C 99 1.47 -35.50 -26.69
CA GLU C 99 1.73 -35.74 -25.28
C GLU C 99 2.04 -34.41 -24.56
N ALA C 100 2.94 -33.63 -25.14
CA ALA C 100 3.27 -32.32 -24.56
C ALA C 100 2.05 -31.39 -24.55
N LEU C 101 1.32 -31.36 -25.66
CA LEU C 101 0.15 -30.50 -25.79
C LEU C 101 -0.98 -30.86 -24.84
N ALA C 102 -1.19 -32.15 -24.62
CA ALA C 102 -2.28 -32.60 -23.75
C ALA C 102 -2.08 -32.09 -22.32
N ASN C 103 -0.82 -31.97 -21.91
CA ASN C 103 -0.52 -31.41 -20.60
C ASN C 103 -0.46 -29.88 -20.59
N TYR C 104 -0.82 -29.27 -21.71
CA TYR C 104 -0.76 -27.82 -21.79
C TYR C 104 -2.11 -27.30 -22.28
N ILE C 105 -3.16 -28.10 -22.08
CA ILE C 105 -4.51 -27.71 -22.50
C ILE C 105 -5.44 -27.86 -21.29
N LYS C 106 -6.35 -26.90 -21.12
CA LYS C 106 -7.35 -27.03 -20.08
C LYS C 106 -8.72 -26.88 -20.70
N VAL C 107 -9.70 -27.50 -20.05
CA VAL C 107 -11.05 -27.60 -20.58
C VAL C 107 -12.04 -27.32 -19.44
N GLY C 108 -12.90 -26.33 -19.61
CA GLY C 108 -13.78 -25.98 -18.51
C GLY C 108 -14.77 -24.89 -18.86
N PHE C 109 -15.74 -24.69 -17.96
CA PHE C 109 -16.71 -23.61 -18.09
C PHE C 109 -16.35 -22.46 -17.16
N HIS C 110 -16.83 -21.26 -17.49
CA HIS C 110 -16.83 -20.17 -16.52
C HIS C 110 -17.98 -20.38 -15.54
N ALA C 111 -17.75 -20.08 -14.26
CA ALA C 111 -18.80 -20.23 -13.26
C ALA C 111 -19.90 -19.16 -13.44
N GLY C 112 -19.55 -18.07 -14.12
CA GLY C 112 -20.50 -16.99 -14.35
C GLY C 112 -20.44 -16.33 -15.74
N PRO C 113 -20.56 -17.14 -16.80
CA PRO C 113 -20.39 -16.62 -18.16
C PRO C 113 -21.26 -15.42 -18.47
N SER C 114 -20.78 -14.46 -19.27
CA SER C 114 -21.68 -13.42 -19.76
C SER C 114 -22.55 -13.89 -20.94
N MET C 115 -21.97 -14.67 -21.84
CA MET C 115 -22.74 -15.15 -22.99
C MET C 115 -23.74 -16.21 -22.56
N ASN C 116 -24.96 -16.15 -23.08
CA ASN C 116 -26.04 -17.02 -22.61
C ASN C 116 -26.03 -18.44 -23.19
N ASN C 117 -25.32 -18.65 -24.29
CA ASN C 117 -25.26 -19.97 -24.91
C ASN C 117 -24.09 -20.79 -24.36
N LEU C 118 -24.40 -21.92 -23.75
CA LEU C 118 -23.42 -22.77 -23.10
C LEU C 118 -22.19 -23.00 -23.98
N HIS C 119 -21.03 -22.67 -23.43
CA HIS C 119 -19.77 -22.84 -24.17
C HIS C 119 -18.67 -23.33 -23.28
N LEU C 120 -18.12 -24.46 -23.67
CA LEU C 120 -17.00 -25.09 -22.97
C LEU C 120 -15.69 -24.61 -23.56
N HIS C 121 -14.86 -23.99 -22.75
CA HIS C 121 -13.56 -23.49 -23.18
C HIS C 121 -12.56 -24.63 -23.35
N ILE C 122 -11.85 -24.65 -24.47
CA ILE C 122 -10.74 -25.56 -24.69
C ILE C 122 -9.56 -24.70 -25.14
N MET C 123 -8.52 -24.60 -24.31
CA MET C 123 -7.50 -23.58 -24.54
C MET C 123 -6.16 -24.00 -23.97
N THR C 124 -5.09 -23.40 -24.48
CA THR C 124 -3.77 -23.71 -23.98
C THR C 124 -3.51 -22.91 -22.70
N LEU C 125 -2.48 -23.29 -21.95
CA LEU C 125 -2.29 -22.73 -20.60
C LEU C 125 -1.58 -21.37 -20.60
N ASP C 126 -0.99 -20.99 -21.73
CA ASP C 126 -0.03 -19.89 -21.77
C ASP C 126 -0.60 -18.55 -21.32
N HIS C 127 -1.84 -18.29 -21.71
CA HIS C 127 -2.42 -16.95 -21.62
C HIS C 127 -1.52 -15.89 -22.22
N VAL C 128 -0.88 -16.24 -23.32
CA VAL C 128 -0.14 -15.27 -24.12
C VAL C 128 -0.98 -14.91 -25.35
N SER C 129 -1.60 -13.73 -25.31
CA SER C 129 -2.49 -13.31 -26.38
C SER C 129 -2.80 -11.80 -26.31
N PRO C 130 -2.85 -11.14 -27.46
CA PRO C 130 -3.23 -9.72 -27.51
C PRO C 130 -4.62 -9.46 -26.91
N SER C 131 -5.51 -10.45 -26.97
CA SER C 131 -6.86 -10.26 -26.43
C SER C 131 -6.93 -10.39 -24.92
N LEU C 132 -5.86 -10.87 -24.31
CA LEU C 132 -5.82 -10.88 -22.84
C LEU C 132 -5.41 -9.46 -22.41
N LYS C 133 -6.40 -8.69 -21.94
CA LYS C 133 -6.19 -7.25 -21.80
C LYS C 133 -6.35 -6.71 -20.38
N ASN C 134 -6.89 -7.52 -19.48
CA ASN C 134 -7.04 -7.04 -18.11
C ASN C 134 -7.02 -8.17 -17.11
N SER C 135 -6.96 -7.82 -15.84
CA SER C 135 -6.86 -8.80 -14.77
C SER C 135 -8.06 -9.73 -14.70
N ALA C 136 -9.26 -9.20 -14.90
CA ALA C 136 -10.45 -10.05 -14.88
C ALA C 136 -10.34 -11.18 -15.93
N HIS C 137 -9.86 -10.86 -17.12
CA HIS C 137 -9.65 -11.90 -18.14
C HIS C 137 -8.84 -13.05 -17.54
N TYR C 138 -7.68 -12.71 -17.00
CA TYR C 138 -6.72 -13.71 -16.53
C TYR C 138 -7.28 -14.51 -15.38
N ILE C 139 -7.81 -13.81 -14.39
CA ILE C 139 -8.39 -14.44 -13.20
C ILE C 139 -9.53 -15.39 -13.58
N SER C 140 -10.32 -15.01 -14.59
CA SER C 140 -11.47 -15.84 -14.99
C SER C 140 -11.06 -17.22 -15.51
N PHE C 141 -9.81 -17.35 -15.96
CA PHE C 141 -9.33 -18.64 -16.49
C PHE C 141 -8.37 -19.39 -15.58
N THR C 142 -7.94 -18.75 -14.50
CA THR C 142 -6.89 -19.32 -13.67
C THR C 142 -7.29 -19.51 -12.20
N SER C 143 -8.53 -19.18 -11.87
CA SER C 143 -9.02 -19.30 -10.50
C SER C 143 -10.14 -20.32 -10.51
N PRO C 144 -10.77 -20.56 -9.33
CA PRO C 144 -11.92 -21.47 -9.29
C PRO C 144 -13.10 -20.99 -10.13
N PHE C 145 -13.06 -19.75 -10.62
CA PHE C 145 -14.07 -19.27 -11.55
C PHE C 145 -14.02 -20.13 -12.83
N PHE C 146 -12.86 -20.66 -13.13
CA PHE C 146 -12.75 -21.59 -14.26
C PHE C 146 -13.05 -22.98 -13.74
N VAL C 147 -14.21 -23.51 -14.11
CA VAL C 147 -14.65 -24.80 -13.58
C VAL C 147 -14.22 -25.91 -14.56
N LYS C 148 -13.10 -26.56 -14.28
CA LYS C 148 -12.62 -27.64 -15.15
C LYS C 148 -13.67 -28.72 -15.31
N ILE C 149 -13.73 -29.30 -16.50
CA ILE C 149 -14.81 -30.22 -16.85
C ILE C 149 -14.75 -31.52 -16.03
N ASP C 150 -13.59 -31.82 -15.45
CA ASP C 150 -13.47 -33.01 -14.61
C ASP C 150 -13.59 -32.73 -13.11
N THR C 151 -14.09 -31.55 -12.75
CA THR C 151 -14.34 -31.24 -11.36
C THR C 151 -15.42 -32.15 -10.79
N PRO C 152 -15.13 -32.82 -9.66
CA PRO C 152 -16.21 -33.59 -9.06
C PRO C 152 -17.36 -32.67 -8.63
N THR C 153 -18.58 -33.18 -8.75
CA THR C 153 -19.77 -32.39 -8.42
C THR C 153 -19.75 -31.79 -7.01
N SER C 154 -19.31 -32.57 -6.04
CA SER C 154 -19.27 -32.07 -4.67
C SER C 154 -18.29 -30.91 -4.52
N ASN C 155 -17.45 -30.68 -5.53
CA ASN C 155 -16.44 -29.63 -5.42
C ASN C 155 -16.73 -28.39 -6.28
N LEU C 156 -17.88 -28.36 -6.93
CA LEU C 156 -18.28 -27.22 -7.75
C LEU C 156 -18.52 -26.00 -6.87
N PRO C 157 -18.17 -24.81 -7.38
CA PRO C 157 -18.48 -23.55 -6.67
C PRO C 157 -19.98 -23.34 -6.73
N THR C 158 -20.53 -22.58 -5.80
CA THR C 158 -21.95 -22.24 -5.86
C THR C 158 -22.17 -21.03 -6.77
N ARG C 159 -23.22 -21.09 -7.59
CA ARG C 159 -23.52 -19.99 -8.51
C ARG C 159 -23.57 -18.62 -7.80
N GLY C 160 -22.91 -17.64 -8.40
CA GLY C 160 -22.95 -16.26 -7.92
C GLY C 160 -22.04 -15.88 -6.77
N THR C 161 -21.19 -16.81 -6.33
CA THR C 161 -20.40 -16.59 -5.11
C THR C 161 -18.94 -16.14 -5.32
N LEU C 162 -18.50 -16.05 -6.56
CA LEU C 162 -17.08 -15.85 -6.82
C LEU C 162 -16.68 -14.42 -7.20
N THR C 163 -17.64 -13.51 -7.11
CA THR C 163 -17.38 -12.11 -7.44
C THR C 163 -16.07 -11.54 -6.88
N SER C 164 -15.74 -11.92 -5.65
CA SER C 164 -14.60 -11.32 -4.94
C SER C 164 -13.23 -11.75 -5.47
N LEU C 165 -13.20 -12.88 -6.17
CA LEU C 165 -11.96 -13.33 -6.81
C LEU C 165 -11.31 -12.25 -7.67
N PHE C 166 -12.15 -11.44 -8.32
CA PHE C 166 -11.64 -10.54 -9.35
C PHE C 166 -10.83 -9.36 -8.82
N GLN C 167 -10.85 -9.20 -7.50
CA GLN C 167 -10.14 -8.10 -6.85
C GLN C 167 -8.80 -8.56 -6.26
N GLU C 168 -8.56 -9.86 -6.27
CA GLU C 168 -7.35 -10.38 -5.65
C GLU C 168 -6.07 -10.02 -6.43
N ASP C 169 -4.93 -10.08 -5.76
CA ASP C 169 -3.66 -9.91 -6.42
C ASP C 169 -3.43 -10.99 -7.47
N LEU C 170 -2.60 -10.66 -8.46
CA LEU C 170 -2.31 -11.56 -9.57
C LEU C 170 -1.13 -12.49 -9.26
N LYS C 171 -1.27 -13.75 -9.65
CA LYS C 171 -0.18 -14.70 -9.50
C LYS C 171 -0.02 -15.48 -10.79
N CYS C 172 1.22 -15.71 -11.18
CA CYS C 172 1.51 -16.53 -12.34
C CYS C 172 0.99 -17.95 -12.10
N TRP C 173 0.27 -18.49 -13.07
CA TRP C 173 -0.27 -19.84 -12.92
C TRP C 173 0.83 -20.90 -12.91
N ARG C 174 1.96 -20.61 -13.52
CA ARG C 174 3.00 -21.62 -13.71
C ARG C 174 4.03 -21.69 -12.59
N CYS C 175 4.49 -20.54 -12.09
CA CYS C 175 5.58 -20.52 -11.12
C CYS C 175 5.19 -19.89 -9.80
N GLY C 176 3.99 -19.31 -9.74
CA GLY C 176 3.46 -18.77 -8.51
C GLY C 176 3.87 -17.35 -8.15
N GLU C 177 4.81 -16.77 -8.90
CA GLU C 177 5.24 -15.38 -8.67
C GLU C 177 4.02 -14.45 -8.61
N THR C 178 4.06 -13.49 -7.70
CA THR C 178 2.92 -12.57 -7.51
C THR C 178 3.24 -11.20 -8.12
N PHE C 179 2.19 -10.50 -8.54
CA PHE C 179 2.36 -9.26 -9.28
C PHE C 179 1.44 -8.14 -8.81
N GLY C 180 0.82 -8.33 -7.65
CA GLY C 180 -0.12 -7.36 -7.13
C GLY C 180 -1.22 -7.18 -8.15
N ARG C 181 -1.48 -5.93 -8.52
CA ARG C 181 -2.46 -5.65 -9.56
C ARG C 181 -1.76 -5.12 -10.80
N HIS C 182 -0.46 -5.38 -10.89
CA HIS C 182 0.34 -4.96 -12.04
C HIS C 182 0.15 -5.93 -13.21
N PHE C 183 -0.96 -5.79 -13.92
CA PHE C 183 -1.30 -6.67 -15.03
C PHE C 183 -0.29 -6.66 -16.17
N THR C 184 0.21 -5.48 -16.49
CA THR C 184 1.16 -5.36 -17.59
C THR C 184 2.44 -6.15 -17.31
N LYS C 185 2.86 -6.13 -16.05
CA LYS C 185 4.04 -6.90 -15.65
C LYS C 185 3.77 -8.40 -15.73
N LEU C 186 2.58 -8.80 -15.31
CA LEU C 186 2.17 -10.20 -15.44
C LEU C 186 2.22 -10.62 -16.91
N LYS C 187 1.64 -9.79 -17.79
CA LYS C 187 1.65 -10.10 -19.21
C LYS C 187 3.05 -10.36 -19.72
N ALA C 188 4.00 -9.50 -19.36
CA ALA C 188 5.38 -9.65 -19.84
C ALA C 188 5.97 -10.96 -19.34
N HIS C 189 5.67 -11.28 -18.10
CA HIS C 189 6.14 -12.50 -17.48
C HIS C 189 5.52 -13.75 -18.13
N LEU C 190 4.24 -13.67 -18.50
CA LEU C 190 3.58 -14.81 -19.17
C LEU C 190 4.27 -15.13 -20.49
N GLN C 191 4.71 -14.09 -21.18
CA GLN C 191 5.45 -14.27 -22.41
C GLN C 191 6.73 -15.05 -22.11
N GLU C 192 7.47 -14.61 -21.11
CA GLU C 192 8.70 -15.30 -20.71
C GLU C 192 8.42 -16.76 -20.32
N GLU C 193 7.35 -16.99 -19.57
CA GLU C 193 7.00 -18.36 -19.16
C GLU C 193 6.71 -19.22 -20.37
N TYR C 194 6.04 -18.65 -21.37
CA TYR C 194 5.75 -19.44 -22.57
C TYR C 194 7.03 -19.79 -23.30
N ASP C 195 7.88 -18.80 -23.55
CA ASP C 195 9.17 -19.03 -24.20
C ASP C 195 9.92 -20.14 -23.47
N ASP C 196 9.92 -20.08 -22.14
CA ASP C 196 10.59 -21.07 -21.31
C ASP C 196 10.00 -22.45 -21.50
N TRP C 197 8.67 -22.54 -21.40
CA TRP C 197 7.98 -23.82 -21.57
C TRP C 197 8.23 -24.43 -22.94
N LEU C 198 8.16 -23.60 -23.97
CA LEU C 198 8.39 -24.04 -25.34
C LEU C 198 9.77 -24.63 -25.52
N ASP C 199 10.79 -23.92 -25.03
CA ASP C 199 12.16 -24.37 -25.12
C ASP C 199 12.34 -25.73 -24.46
N LYS C 200 11.78 -25.87 -23.26
CA LYS C 200 11.81 -27.11 -22.49
C LYS C 200 11.08 -28.25 -23.19
N SER C 201 10.02 -27.92 -23.92
CA SER C 201 9.14 -28.95 -24.48
C SER C 201 9.62 -29.44 -25.84
N VAL C 202 10.35 -28.59 -26.56
CA VAL C 202 10.97 -29.03 -27.80
C VAL C 202 12.42 -29.47 -27.54
N SER C 203 12.87 -29.29 -26.30
CA SER C 203 14.17 -29.84 -25.90
C SER C 203 14.01 -31.33 -25.64
N MET C 204 12.77 -31.79 -25.73
CA MET C 204 12.42 -33.19 -25.44
C MET C 204 12.92 -33.61 -24.07
N SER D 5 15.41 19.71 -5.88
CA SER D 5 14.05 19.22 -5.71
C SER D 5 13.06 20.06 -6.51
N PHE D 6 12.04 19.42 -7.06
CA PHE D 6 11.00 20.16 -7.78
C PHE D 6 10.34 21.20 -6.88
N ARG D 7 10.42 20.97 -5.57
CA ARG D 7 9.75 21.85 -4.62
C ARG D 7 10.47 23.19 -4.50
N ASP D 8 11.67 23.28 -5.06
CA ASP D 8 12.42 24.54 -5.07
C ASP D 8 12.35 25.22 -6.43
N ASN D 9 11.45 24.76 -7.27
CA ASN D 9 11.37 25.29 -8.63
C ASN D 9 11.16 26.80 -8.70
N LEU D 10 10.45 27.38 -7.72
CA LEU D 10 10.15 28.82 -7.78
C LEU D 10 11.29 29.72 -7.30
N LYS D 11 12.31 29.13 -6.69
CA LYS D 11 13.33 29.98 -6.12
C LYS D 11 14.08 30.81 -7.17
N VAL D 12 14.15 30.33 -8.40
CA VAL D 12 14.89 31.08 -9.43
C VAL D 12 14.28 32.47 -9.67
N TYR D 13 12.97 32.60 -9.48
CA TYR D 13 12.32 33.89 -9.73
C TYR D 13 12.67 34.95 -8.67
N ILE D 14 12.84 34.53 -7.43
CA ILE D 14 13.26 35.49 -6.42
C ILE D 14 14.78 35.66 -6.39
N GLU D 15 15.52 34.66 -6.85
CA GLU D 15 16.99 34.81 -6.91
C GLU D 15 17.42 35.68 -8.09
N SER D 16 16.84 35.41 -9.26
CA SER D 16 17.27 36.08 -10.49
C SER D 16 16.09 36.52 -11.34
N PRO D 17 15.27 37.46 -10.82
CA PRO D 17 14.09 37.88 -11.57
C PRO D 17 14.53 38.54 -12.88
N GLU D 18 15.76 39.05 -12.92
CA GLU D 18 16.30 39.70 -14.11
C GLU D 18 16.43 38.75 -15.29
N SER D 19 16.37 37.45 -15.01
CA SER D 19 16.59 36.44 -16.04
C SER D 19 15.32 35.95 -16.74
N TYR D 20 14.15 36.37 -16.26
CA TYR D 20 12.87 35.80 -16.74
C TYR D 20 11.89 36.85 -17.25
N LYS D 21 11.50 36.73 -18.51
CA LYS D 21 10.58 37.71 -19.09
C LYS D 21 9.20 37.61 -18.45
N ASN D 22 8.86 36.45 -17.90
CA ASN D 22 7.56 36.29 -17.26
C ASN D 22 7.51 36.84 -15.84
N VAL D 23 8.64 37.35 -15.35
CA VAL D 23 8.62 38.16 -14.15
C VAL D 23 8.17 39.56 -14.57
N ILE D 24 6.91 39.89 -14.27
CA ILE D 24 6.35 41.17 -14.72
C ILE D 24 6.57 42.34 -13.75
N TYR D 25 7.12 42.03 -12.58
CA TYR D 25 7.56 43.07 -11.65
C TYR D 25 8.60 42.51 -10.71
N TYR D 26 9.62 43.30 -10.42
CA TYR D 26 10.48 42.96 -9.30
C TYR D 26 11.08 44.19 -8.66
N ASP D 27 11.26 44.10 -7.35
CA ASP D 27 12.07 45.06 -6.65
C ASP D 27 12.89 44.32 -5.58
N ASP D 28 13.45 45.03 -4.63
CA ASP D 28 14.30 44.37 -3.64
C ASP D 28 13.49 43.40 -2.77
N ASP D 29 12.19 43.69 -2.61
CA ASP D 29 11.31 42.99 -1.68
C ASP D 29 10.44 41.86 -2.26
N VAL D 30 9.99 42.01 -3.49
CA VAL D 30 9.03 41.06 -4.07
C VAL D 30 9.22 40.86 -5.57
N VAL D 31 8.61 39.78 -6.06
CA VAL D 31 8.58 39.45 -7.48
C VAL D 31 7.16 39.03 -7.83
N LEU D 32 6.64 39.58 -8.92
CA LEU D 32 5.37 39.16 -9.48
C LEU D 32 5.66 38.39 -10.76
N VAL D 33 5.25 37.13 -10.82
CA VAL D 33 5.61 36.28 -11.96
C VAL D 33 4.38 35.49 -12.47
N ARG D 34 4.31 35.29 -13.77
CA ARG D 34 3.24 34.46 -14.32
C ARG D 34 3.42 33.02 -13.89
N ASP D 35 2.34 32.39 -13.47
CA ASP D 35 2.40 30.98 -13.14
C ASP D 35 2.63 30.22 -14.45
N MET D 36 3.55 29.27 -14.43
CA MET D 36 3.88 28.54 -15.67
C MET D 36 2.77 27.59 -16.08
N PHE D 37 1.89 27.26 -15.13
CA PHE D 37 0.77 26.38 -15.44
C PHE D 37 -0.53 27.00 -14.95
N PRO D 38 -0.97 28.10 -15.60
CA PRO D 38 -2.06 28.92 -15.07
C PRO D 38 -3.33 28.11 -14.89
N LYS D 39 -3.97 28.27 -13.73
CA LYS D 39 -5.15 27.50 -13.42
C LYS D 39 -6.43 28.32 -13.69
N SER D 40 -6.25 29.56 -14.12
CA SER D 40 -7.33 30.39 -14.65
C SER D 40 -6.77 31.19 -15.82
N LYS D 41 -7.61 31.91 -16.54
CA LYS D 41 -7.13 32.70 -17.68
C LYS D 41 -5.94 33.60 -17.29
N MET D 42 -6.04 34.27 -16.14
CA MET D 42 -4.89 34.99 -15.58
C MET D 42 -4.51 34.31 -14.29
N HIS D 43 -3.23 34.02 -14.12
CA HIS D 43 -2.76 33.41 -12.88
C HIS D 43 -1.34 33.88 -12.63
N LEU D 44 -1.20 34.73 -11.61
CA LEU D 44 0.10 35.32 -11.24
C LEU D 44 0.47 34.89 -9.83
N LEU D 45 1.78 34.95 -9.53
CA LEU D 45 2.29 34.66 -8.20
C LEU D 45 3.04 35.86 -7.67
N LEU D 46 2.74 36.30 -6.45
CA LEU D 46 3.50 37.35 -5.80
C LEU D 46 4.37 36.75 -4.70
N MET D 47 5.68 36.86 -4.88
CA MET D 47 6.64 36.17 -4.03
C MET D 47 7.53 37.14 -3.27
N THR D 48 7.59 37.00 -1.95
CA THR D 48 8.58 37.70 -1.16
C THR D 48 9.97 37.23 -1.57
N ARG D 49 10.93 38.16 -1.58
CA ARG D 49 12.32 37.82 -1.84
C ARG D 49 13.10 37.64 -0.54
N ASP D 50 12.44 37.86 0.59
CA ASP D 50 13.11 37.74 1.89
C ASP D 50 13.56 36.29 2.16
N PRO D 51 14.87 36.08 2.35
CA PRO D 51 15.48 34.74 2.47
C PRO D 51 14.88 33.90 3.60
N HIS D 52 14.37 34.57 4.63
CA HIS D 52 13.74 33.84 5.72
C HIS D 52 12.25 33.64 5.47
N LEU D 53 11.55 34.74 5.22
CA LEU D 53 10.10 34.70 5.01
C LEU D 53 9.68 33.76 3.88
N THR D 54 10.52 33.62 2.86
CA THR D 54 10.16 32.77 1.71
C THR D 54 9.90 31.30 2.14
N HIS D 55 10.57 30.88 3.19
CA HIS D 55 10.40 29.50 3.67
C HIS D 55 9.45 29.37 4.85
N VAL D 56 8.80 30.46 5.23
CA VAL D 56 7.79 30.36 6.28
C VAL D 56 6.51 29.84 5.65
N HIS D 57 5.82 28.93 6.34
CA HIS D 57 4.57 28.37 5.83
C HIS D 57 3.47 29.45 5.71
N PRO D 58 2.68 29.39 4.62
CA PRO D 58 1.70 30.48 4.41
C PRO D 58 0.75 30.65 5.58
N LEU D 59 0.38 29.57 6.26
CA LEU D 59 -0.53 29.71 7.39
C LEU D 59 0.13 30.46 8.55
N GLU D 60 1.42 30.24 8.71
CA GLU D 60 2.21 30.94 9.72
C GLU D 60 2.37 32.40 9.33
N ILE D 61 2.54 32.63 8.04
CA ILE D 61 2.62 34.00 7.54
C ILE D 61 1.35 34.74 7.95
N MET D 62 0.21 34.12 7.65
CA MET D 62 -1.09 34.73 7.91
C MET D 62 -1.32 34.99 9.40
N MET D 63 -0.87 34.05 10.24
CA MET D 63 -1.09 34.14 11.66
C MET D 63 -0.19 35.14 12.36
N LYS D 64 1.09 35.16 11.98
CA LYS D 64 2.08 35.86 12.77
C LYS D 64 3.01 36.79 12.00
N HIS D 65 2.70 37.03 10.74
CA HIS D 65 3.52 37.96 9.95
C HIS D 65 2.61 38.97 9.26
N ARG D 66 1.86 39.71 10.06
CA ARG D 66 0.84 40.60 9.52
C ARG D 66 1.44 41.79 8.76
N SER D 67 2.69 42.15 9.08
CA SER D 67 3.33 43.23 8.34
C SER D 67 3.59 42.81 6.91
N LEU D 68 3.99 41.56 6.72
CA LEU D 68 4.20 41.06 5.36
C LEU D 68 2.88 40.95 4.62
N VAL D 69 1.84 40.48 5.32
CA VAL D 69 0.53 40.36 4.70
C VAL D 69 0.09 41.74 4.22
N GLU D 70 0.22 42.73 5.08
CA GLU D 70 -0.17 44.11 4.74
C GLU D 70 0.65 44.64 3.58
N LYS D 71 1.94 44.30 3.56
CA LYS D 71 2.82 44.73 2.46
C LYS D 71 2.42 44.12 1.12
N LEU D 72 2.11 42.83 1.10
CA LEU D 72 1.66 42.18 -0.13
C LEU D 72 0.33 42.77 -0.61
N VAL D 73 -0.60 42.97 0.31
CA VAL D 73 -1.89 43.54 -0.05
C VAL D 73 -1.68 44.95 -0.62
N SER D 74 -0.76 45.68 -0.02
CA SER D 74 -0.46 47.03 -0.49
C SER D 74 0.10 47.05 -1.91
N TYR D 75 0.97 46.09 -2.23
CA TYR D 75 1.42 45.94 -3.61
C TYR D 75 0.27 45.67 -4.57
N VAL D 76 -0.60 44.72 -4.21
CA VAL D 76 -1.70 44.31 -5.09
C VAL D 76 -2.69 45.44 -5.37
N GLN D 77 -3.03 46.20 -4.33
CA GLN D 77 -4.01 47.27 -4.46
C GLN D 77 -3.40 48.61 -4.85
N GLY D 78 -2.07 48.70 -4.91
CA GLY D 78 -1.38 49.95 -5.20
C GLY D 78 -0.48 49.89 -6.42
N ASP D 79 0.82 49.81 -6.20
CA ASP D 79 1.81 49.89 -7.28
C ASP D 79 1.70 48.81 -8.35
N LEU D 80 1.11 47.66 -8.02
CA LEU D 80 0.93 46.61 -9.04
C LEU D 80 -0.46 46.56 -9.63
N SER D 81 -1.36 47.42 -9.16
CA SER D 81 -2.77 47.31 -9.52
C SER D 81 -3.04 47.53 -11.02
N GLY D 82 -2.49 48.60 -11.58
CA GLY D 82 -2.60 48.81 -13.01
C GLY D 82 -2.02 47.66 -13.82
N LEU D 83 -0.86 47.18 -13.41
CA LEU D 83 -0.21 46.06 -14.08
C LEU D 83 -1.09 44.80 -14.06
N ILE D 84 -1.67 44.48 -12.91
CA ILE D 84 -2.55 43.31 -12.78
C ILE D 84 -3.80 43.46 -13.67
N PHE D 85 -4.40 44.66 -13.68
CA PHE D 85 -5.54 44.90 -14.57
C PHE D 85 -5.19 44.75 -16.04
N ASP D 86 -3.98 45.16 -16.44
CA ASP D 86 -3.61 45.00 -17.85
C ASP D 86 -3.44 43.53 -18.18
N GLU D 87 -2.79 42.79 -17.27
CA GLU D 87 -2.66 41.35 -17.46
C GLU D 87 -4.06 40.72 -17.62
N ALA D 88 -4.97 41.11 -16.74
CA ALA D 88 -6.32 40.55 -16.78
C ALA D 88 -7.02 40.87 -18.10
N ARG D 89 -6.91 42.13 -18.55
CA ARG D 89 -7.51 42.52 -19.83
C ARG D 89 -6.92 41.76 -21.02
N ASN D 90 -5.60 41.54 -21.01
CA ASN D 90 -5.01 40.73 -22.06
C ASN D 90 -5.41 39.26 -21.99
N CYS D 91 -5.63 38.73 -20.79
CA CYS D 91 -5.92 37.31 -20.62
C CYS D 91 -7.40 37.04 -20.84
N LEU D 92 -8.22 38.05 -20.58
CA LEU D 92 -9.66 37.91 -20.67
C LEU D 92 -10.20 38.71 -21.85
N SER D 93 -10.50 39.99 -21.61
CA SER D 93 -10.94 40.87 -22.69
C SER D 93 -10.58 42.32 -22.41
N GLN D 94 -10.15 43.04 -23.44
CA GLN D 94 -9.89 44.47 -23.36
C GLN D 94 -11.15 45.24 -22.93
N GLN D 95 -12.32 44.65 -23.13
CA GLN D 95 -13.57 45.36 -22.86
C GLN D 95 -13.99 45.38 -21.39
N LEU D 96 -13.20 44.76 -20.53
CA LEU D 96 -13.53 44.68 -19.11
C LEU D 96 -12.92 45.81 -18.32
N THR D 97 -13.75 46.52 -17.55
CA THR D 97 -13.30 47.64 -16.73
C THR D 97 -12.60 47.15 -15.47
N ASN D 98 -11.88 48.05 -14.79
CA ASN D 98 -11.21 47.70 -13.54
C ASN D 98 -12.23 47.22 -12.52
N GLU D 99 -13.39 47.86 -12.54
CA GLU D 99 -14.45 47.57 -11.60
C GLU D 99 -14.94 46.10 -11.78
N ALA D 100 -15.20 45.72 -13.03
CA ALA D 100 -15.61 44.34 -13.32
C ALA D 100 -14.52 43.32 -12.97
N LEU D 101 -13.29 43.65 -13.33
CA LEU D 101 -12.15 42.75 -13.10
C LEU D 101 -11.87 42.53 -11.61
N ALA D 102 -11.98 43.60 -10.83
CA ALA D 102 -11.70 43.54 -9.40
C ALA D 102 -12.62 42.52 -8.72
N ASN D 103 -13.87 42.43 -9.19
CA ASN D 103 -14.79 41.44 -8.65
C ASN D 103 -14.64 40.07 -9.28
N TYR D 104 -13.64 39.90 -10.13
CA TYR D 104 -13.46 38.62 -10.80
C TYR D 104 -12.03 38.15 -10.56
N ILE D 105 -11.42 38.66 -9.49
CA ILE D 105 -10.04 38.31 -9.15
C ILE D 105 -10.01 37.85 -7.70
N LYS D 106 -9.26 36.80 -7.40
CA LYS D 106 -9.08 36.37 -6.03
C LYS D 106 -7.60 36.28 -5.72
N VAL D 107 -7.28 36.48 -4.44
CA VAL D 107 -5.90 36.57 -4.00
C VAL D 107 -5.75 35.74 -2.74
N GLY D 108 -4.82 34.80 -2.73
CA GLY D 108 -4.69 33.96 -1.56
C GLY D 108 -3.58 32.95 -1.66
N PHE D 109 -3.35 32.26 -0.55
CA PHE D 109 -2.34 31.20 -0.45
C PHE D 109 -2.99 29.82 -0.47
N HIS D 110 -2.25 28.79 -0.89
CA HIS D 110 -2.69 27.42 -0.65
C HIS D 110 -2.39 27.07 0.80
N ALA D 111 -3.28 26.31 1.44
CA ALA D 111 -3.03 25.90 2.84
C ALA D 111 -1.91 24.87 2.91
N GLY D 112 -1.64 24.19 1.80
CA GLY D 112 -0.59 23.19 1.76
C GLY D 112 0.27 23.15 0.51
N PRO D 113 0.87 24.28 0.17
CA PRO D 113 1.62 24.38 -1.10
C PRO D 113 2.67 23.28 -1.28
N SER D 114 2.87 22.79 -2.49
CA SER D 114 4.01 21.91 -2.73
C SER D 114 5.33 22.67 -2.89
N MET D 115 5.30 23.82 -3.55
CA MET D 115 6.52 24.60 -3.72
C MET D 115 6.90 25.29 -2.42
N ASN D 116 8.19 25.27 -2.08
CA ASN D 116 8.63 25.71 -0.77
C ASN D 116 8.80 27.22 -0.61
N ASN D 117 8.85 27.94 -1.74
CA ASN D 117 8.98 29.39 -1.69
C ASN D 117 7.61 30.06 -1.69
N LEU D 118 7.36 30.84 -0.64
CA LEU D 118 6.08 31.49 -0.40
C LEU D 118 5.59 32.23 -1.62
N HIS D 119 4.38 31.88 -2.07
CA HIS D 119 3.80 32.49 -3.27
C HIS D 119 2.32 32.71 -3.08
N LEU D 120 1.94 33.97 -3.25
CA LEU D 120 0.56 34.41 -3.16
C LEU D 120 -0.07 34.39 -4.55
N HIS D 121 -1.12 33.62 -4.71
CA HIS D 121 -1.83 33.53 -5.98
C HIS D 121 -2.68 34.76 -6.23
N ILE D 122 -2.60 35.30 -7.43
CA ILE D 122 -3.46 36.38 -7.86
C ILE D 122 -4.02 35.94 -9.21
N MET D 123 -5.32 35.66 -9.27
CA MET D 123 -5.87 34.96 -10.42
C MET D 123 -7.35 35.32 -10.65
N THR D 124 -7.81 35.13 -11.89
CA THR D 124 -9.20 35.36 -12.21
C THR D 124 -10.05 34.16 -11.76
N LEU D 125 -11.36 34.34 -11.67
CA LEU D 125 -12.22 33.32 -11.06
C LEU D 125 -12.62 32.20 -12.01
N ASP D 126 -12.38 32.39 -13.30
CA ASP D 126 -12.95 31.53 -14.33
C ASP D 126 -12.58 30.04 -14.20
N HIS D 127 -11.34 29.77 -13.82
CA HIS D 127 -10.74 28.45 -13.97
C HIS D 127 -10.94 27.85 -15.35
N VAL D 128 -10.85 28.71 -16.37
CA VAL D 128 -10.84 28.25 -17.76
C VAL D 128 -9.40 28.27 -18.26
N SER D 129 -8.79 27.09 -18.34
CA SER D 129 -7.38 26.99 -18.72
C SER D 129 -6.97 25.57 -19.06
N PRO D 130 -6.16 25.41 -20.12
CA PRO D 130 -5.62 24.10 -20.50
C PRO D 130 -4.83 23.46 -19.37
N SER D 131 -4.22 24.26 -18.49
CA SER D 131 -3.41 23.70 -17.41
C SER D 131 -4.27 23.19 -16.25
N LEU D 132 -5.55 23.54 -16.26
CA LEU D 132 -6.47 22.98 -15.27
C LEU D 132 -6.88 21.58 -15.75
N LYS D 133 -6.27 20.56 -15.17
CA LYS D 133 -6.33 19.22 -15.75
C LYS D 133 -6.95 18.16 -14.87
N ASN D 134 -7.13 18.44 -13.58
CA ASN D 134 -7.76 17.45 -12.71
C ASN D 134 -8.54 18.09 -11.57
N SER D 135 -9.30 17.28 -10.85
CA SER D 135 -10.13 17.77 -9.77
C SER D 135 -9.33 18.44 -8.67
N ALA D 136 -8.19 17.86 -8.30
CA ALA D 136 -7.39 18.44 -7.23
C ALA D 136 -6.99 19.89 -7.59
N HIS D 137 -6.63 20.14 -8.84
CA HIS D 137 -6.34 21.50 -9.27
C HIS D 137 -7.48 22.44 -8.88
N TYR D 138 -8.68 22.08 -9.30
CA TYR D 138 -9.86 22.93 -9.14
C TYR D 138 -10.21 23.11 -7.68
N ILE D 139 -10.26 22.00 -6.95
CA ILE D 139 -10.56 22.03 -5.53
C ILE D 139 -9.57 22.90 -4.75
N SER D 140 -8.29 22.85 -5.13
CA SER D 140 -7.25 23.60 -4.42
C SER D 140 -7.47 25.11 -4.48
N PHE D 141 -8.23 25.58 -5.47
CA PHE D 141 -8.47 27.02 -5.61
C PHE D 141 -9.87 27.49 -5.24
N THR D 142 -10.79 26.53 -5.03
CA THR D 142 -12.19 26.89 -4.83
C THR D 142 -12.77 26.42 -3.50
N SER D 143 -11.93 25.85 -2.64
CA SER D 143 -12.37 25.35 -1.34
C SER D 143 -11.59 26.11 -0.27
N PRO D 144 -11.81 25.76 1.01
CA PRO D 144 -11.04 26.41 2.08
C PRO D 144 -9.55 26.15 2.00
N PHE D 145 -9.11 25.23 1.14
CA PHE D 145 -7.68 25.02 0.91
C PHE D 145 -7.07 26.30 0.30
N PHE D 146 -7.92 27.08 -0.37
CA PHE D 146 -7.46 28.37 -0.88
C PHE D 146 -7.73 29.38 0.21
N VAL D 147 -6.67 29.85 0.85
CA VAL D 147 -6.81 30.78 1.97
C VAL D 147 -6.71 32.21 1.46
N LYS D 148 -7.86 32.87 1.29
CA LYS D 148 -7.88 34.24 0.80
C LYS D 148 -7.09 35.15 1.72
N ILE D 149 -6.41 36.13 1.13
CA ILE D 149 -5.49 36.97 1.88
C ILE D 149 -6.20 37.83 2.94
N ASP D 150 -7.50 38.04 2.79
CA ASP D 150 -8.25 38.80 3.79
C ASP D 150 -9.00 37.94 4.81
N THR D 151 -8.68 36.66 4.87
CA THR D 151 -9.24 35.77 5.88
C THR D 151 -8.83 36.22 7.28
N PRO D 152 -9.81 36.43 8.17
CA PRO D 152 -9.42 36.74 9.54
C PRO D 152 -8.62 35.59 10.17
N THR D 153 -7.67 35.94 11.01
CA THR D 153 -6.80 34.95 11.64
C THR D 153 -7.56 33.85 12.39
N SER D 154 -8.61 34.22 13.10
CA SER D 154 -9.36 33.23 13.84
C SER D 154 -10.08 32.25 12.92
N ASN D 155 -10.11 32.55 11.63
CA ASN D 155 -10.83 31.69 10.69
C ASN D 155 -9.91 30.88 9.77
N LEU D 156 -8.61 30.94 10.02
CA LEU D 156 -7.65 30.17 9.24
C LEU D 156 -7.82 28.69 9.50
N PRO D 157 -7.64 27.85 8.46
CA PRO D 157 -7.64 26.40 8.65
C PRO D 157 -6.36 26.01 9.38
N THR D 158 -6.38 24.87 10.05
CA THR D 158 -5.16 24.38 10.71
C THR D 158 -4.31 23.62 9.71
N ARG D 159 -3.00 23.86 9.76
CA ARG D 159 -2.08 23.20 8.85
C ARG D 159 -2.27 21.68 8.84
N GLY D 160 -2.33 21.12 7.63
CA GLY D 160 -2.36 19.68 7.44
C GLY D 160 -3.71 19.00 7.59
N THR D 161 -4.78 19.78 7.78
CA THR D 161 -6.10 19.21 8.08
C THR D 161 -7.06 19.07 6.91
N LEU D 162 -6.67 19.52 5.73
CA LEU D 162 -7.62 19.65 4.63
C LEU D 162 -7.52 18.54 3.58
N THR D 163 -6.69 17.54 3.84
CA THR D 163 -6.46 16.45 2.89
C THR D 163 -7.76 15.90 2.30
N SER D 164 -8.80 15.79 3.13
CA SER D 164 -10.05 15.13 2.74
C SER D 164 -10.90 15.92 1.74
N LEU D 165 -10.65 17.22 1.62
CA LEU D 165 -11.39 18.02 0.63
C LEU D 165 -11.24 17.48 -0.78
N PHE D 166 -10.09 16.90 -1.08
CA PHE D 166 -9.75 16.56 -2.46
C PHE D 166 -10.54 15.36 -3.01
N GLN D 167 -11.24 14.67 -2.13
CA GLN D 167 -12.04 13.52 -2.52
C GLN D 167 -13.51 13.88 -2.70
N GLU D 168 -13.88 15.10 -2.33
CA GLU D 168 -15.28 15.52 -2.42
C GLU D 168 -15.80 15.72 -3.85
N ASP D 169 -17.12 15.67 -4.00
CA ASP D 169 -17.75 15.93 -5.28
C ASP D 169 -17.48 17.36 -5.76
N LEU D 170 -17.48 17.54 -7.08
CA LEU D 170 -17.20 18.82 -7.71
C LEU D 170 -18.44 19.70 -7.77
N LYS D 171 -18.27 20.98 -7.49
CA LYS D 171 -19.36 21.93 -7.70
C LYS D 171 -18.86 23.20 -8.34
N CYS D 172 -19.65 23.72 -9.27
CA CYS D 172 -19.29 24.98 -9.93
C CYS D 172 -19.24 26.09 -8.89
N TRP D 173 -18.16 26.87 -8.91
CA TRP D 173 -18.01 27.96 -7.95
C TRP D 173 -19.04 29.07 -8.19
N ARG D 174 -19.50 29.22 -9.42
CA ARG D 174 -20.34 30.35 -9.77
C ARG D 174 -21.83 30.11 -9.55
N CYS D 175 -22.31 28.90 -9.85
CA CYS D 175 -23.75 28.65 -9.83
C CYS D 175 -24.14 27.48 -8.93
N GLY D 176 -23.15 26.76 -8.43
CA GLY D 176 -23.39 25.72 -7.45
C GLY D 176 -23.72 24.34 -8.01
N GLU D 177 -23.96 24.24 -9.31
CA GLU D 177 -24.24 22.96 -9.96
C GLU D 177 -23.17 21.94 -9.59
N THR D 178 -23.60 20.70 -9.34
CA THR D 178 -22.66 19.63 -8.96
C THR D 178 -22.38 18.68 -10.13
N PHE D 179 -21.23 18.03 -10.06
CA PHE D 179 -20.75 17.21 -11.17
C PHE D 179 -20.15 15.89 -10.71
N GLY D 180 -20.40 15.54 -9.45
CA GLY D 180 -19.81 14.37 -8.86
C GLY D 180 -18.30 14.44 -9.03
N ARG D 181 -17.73 13.41 -9.63
CA ARG D 181 -16.30 13.42 -9.92
C ARG D 181 -16.04 13.53 -11.41
N HIS D 182 -17.05 14.01 -12.14
CA HIS D 182 -16.93 14.20 -13.58
C HIS D 182 -16.23 15.53 -13.91
N PHE D 183 -14.90 15.52 -13.82
CA PHE D 183 -14.10 16.71 -14.06
C PHE D 183 -14.24 17.29 -15.47
N THR D 184 -14.29 16.41 -16.46
CA THR D 184 -14.40 16.84 -17.84
C THR D 184 -15.70 17.62 -18.07
N LYS D 185 -16.78 17.17 -17.44
CA LYS D 185 -18.05 17.86 -17.54
C LYS D 185 -18.00 19.21 -16.84
N LEU D 186 -17.34 19.23 -15.67
CA LEU D 186 -17.12 20.50 -14.98
C LEU D 186 -16.37 21.45 -15.89
N LYS D 187 -15.26 20.98 -16.48
CA LYS D 187 -14.46 21.81 -17.38
C LYS D 187 -15.31 22.48 -18.46
N ALA D 188 -16.16 21.68 -19.11
CA ALA D 188 -17.00 22.20 -20.19
C ALA D 188 -17.92 23.28 -19.65
N HIS D 189 -18.46 23.03 -18.47
CA HIS D 189 -19.38 23.96 -17.84
C HIS D 189 -18.67 25.25 -17.44
N LEU D 190 -17.41 25.15 -17.00
CA LEU D 190 -16.65 26.36 -16.65
C LEU D 190 -16.49 27.25 -17.85
N GLN D 191 -16.27 26.64 -19.02
CA GLN D 191 -16.21 27.39 -20.26
C GLN D 191 -17.50 28.18 -20.48
N GLU D 192 -18.63 27.49 -20.41
CA GLU D 192 -19.93 28.15 -20.55
C GLU D 192 -20.12 29.26 -19.52
N GLU D 193 -19.73 29.03 -18.28
CA GLU D 193 -19.90 30.03 -17.23
C GLU D 193 -19.08 31.27 -17.55
N TYR D 194 -17.90 31.07 -18.13
CA TYR D 194 -17.07 32.21 -18.50
C TYR D 194 -17.70 33.00 -19.63
N ASP D 195 -18.13 32.30 -20.68
CA ASP D 195 -18.80 32.95 -21.80
C ASP D 195 -19.99 33.77 -21.29
N ASP D 196 -20.74 33.18 -20.36
CA ASP D 196 -21.89 33.86 -19.75
C ASP D 196 -21.49 35.11 -18.98
N TRP D 197 -20.47 34.97 -18.13
CA TRP D 197 -19.97 36.09 -17.34
C TRP D 197 -19.44 37.22 -18.21
N LEU D 198 -18.66 36.87 -19.23
CA LEU D 198 -18.11 37.84 -20.16
C LEU D 198 -19.22 38.63 -20.86
N ASP D 199 -20.18 37.91 -21.42
CA ASP D 199 -21.32 38.54 -22.10
C ASP D 199 -22.04 39.53 -21.18
N LYS D 200 -22.30 39.10 -19.95
CA LYS D 200 -22.98 39.92 -18.95
C LYS D 200 -22.17 41.16 -18.60
N SER D 201 -20.85 41.04 -18.62
CA SER D 201 -19.97 42.09 -18.16
C SER D 201 -19.76 43.17 -19.21
N VAL D 202 -19.45 42.74 -20.43
CA VAL D 202 -19.28 43.69 -21.52
C VAL D 202 -20.62 44.18 -22.07
N SER D 203 -21.71 43.83 -21.39
CA SER D 203 -23.02 44.36 -21.76
C SER D 203 -23.41 45.50 -20.83
N MET D 204 -22.40 46.05 -20.15
CA MET D 204 -22.60 47.11 -19.15
C MET D 204 -23.87 46.88 -18.34
ZN ZN I . 14.14 17.72 3.32
S SO4 J . 16.50 27.62 5.35
O1 SO4 J . 15.25 27.86 4.63
O2 SO4 J . 16.35 26.43 6.20
O3 SO4 J . 17.56 27.42 4.37
O4 SO4 J . 16.83 28.78 6.19
S SO4 K . -3.93 15.54 27.39
O1 SO4 K . -4.94 16.04 26.47
O2 SO4 K . -4.54 15.33 28.71
O3 SO4 K . -3.40 14.28 26.88
O4 SO4 K . -2.83 16.49 27.52
S SO4 L . -0.82 34.28 35.26
O1 SO4 L . -0.50 34.10 33.85
O2 SO4 L . -1.17 33.01 35.89
O3 SO4 L . 0.36 34.86 35.91
O4 SO4 L . -1.95 35.20 35.39
S SO4 M . 32.80 24.30 15.11
O1 SO4 M . 31.81 23.93 14.09
O2 SO4 M . 32.12 24.62 16.37
O3 SO4 M . 33.72 23.20 15.35
O4 SO4 M . 33.53 25.47 14.61
ZN ZN N . -1.95 -27.30 25.25
S SO4 O . -2.85 -37.43 23.83
O1 SO4 O . -2.32 -36.46 22.86
O2 SO4 O . -1.75 -38.21 24.39
O3 SO4 O . -3.51 -36.72 24.93
O4 SO4 O . -3.82 -38.31 23.17
S SO4 P . -2.39 -21.26 -4.33
O1 SO4 P . -2.25 -21.05 -5.78
O2 SO4 P . -1.50 -22.34 -3.90
O3 SO4 P . -2.06 -20.05 -3.59
O4 SO4 P . -3.77 -21.62 -4.06
S SO4 Q . -2.88 -40.47 -11.39
O1 SO4 Q . -4.01 -40.98 -12.18
O2 SO4 Q . -3.37 -40.22 -10.03
O3 SO4 Q . -1.81 -41.47 -11.32
O4 SO4 Q . -2.39 -39.24 -12.00
S SO4 R . 16.00 -41.62 24.32
O1 SO4 R . 16.05 -41.88 22.89
O2 SO4 R . 15.78 -42.85 25.09
O3 SO4 R . 17.27 -41.02 24.71
O4 SO4 R . 14.89 -40.71 24.61
ZN ZN S . 5.83 -17.56 -13.61
S SO4 T . 5.86 -27.45 -16.58
O1 SO4 T . 5.27 -27.17 -17.88
O2 SO4 T . 5.22 -28.62 -15.98
O3 SO4 T . 7.30 -27.70 -16.73
O4 SO4 T . 5.65 -26.29 -15.71
S SO4 U . -24.33 -15.87 -13.05
O1 SO4 U . -25.58 -15.34 -13.57
O2 SO4 U . -24.60 -16.68 -11.87
O3 SO4 U . -23.71 -16.70 -14.08
O4 SO4 U . -23.44 -14.78 -12.67
S SO4 V . -28.59 -34.63 -20.28
O1 SO4 V . -28.40 -35.16 -21.63
O2 SO4 V . -29.37 -35.56 -19.45
O3 SO4 V . -27.26 -34.47 -19.66
O4 SO4 V . -29.30 -33.35 -20.33
S SO4 W . 7.33 -23.85 -35.62
O1 SO4 W . 5.96 -24.24 -35.89
O2 SO4 W . 7.49 -23.57 -34.18
O3 SO4 W . 8.30 -24.88 -35.99
O4 SO4 W . 7.60 -22.63 -36.38
ZN ZN X . -22.10 26.99 -12.93
S SO4 Y . -21.59 37.29 -11.12
O1 SO4 Y . -22.73 37.24 -12.03
O2 SO4 Y . -20.66 38.33 -11.55
O3 SO4 Y . -22.06 37.62 -9.78
O4 SO4 Y . -20.89 36.00 -11.10
S SO4 Z . 1.69 21.22 4.63
O1 SO4 Z . 1.96 21.84 3.34
O2 SO4 Z . 0.75 20.10 4.49
O3 SO4 Z . 2.95 20.74 5.21
O4 SO4 Z . 1.10 22.23 5.51
S SO4 AA . 6.89 40.44 9.29
O1 SO4 AA . 5.51 40.19 8.84
O2 SO4 AA . 6.84 40.88 10.69
O3 SO4 AA . 7.68 39.22 9.20
O4 SO4 AA . 7.46 41.49 8.45
S SO4 BA . -11.21 41.61 -26.87
O1 SO4 BA . -11.99 42.83 -27.13
O2 SO4 BA . -12.08 40.68 -26.14
O3 SO4 BA . -10.78 41.03 -28.14
O4 SO4 BA . -10.00 41.87 -26.08
#